data_5LDY
#
_entry.id   5LDY
#
_cell.length_a   58.900
_cell.length_b   58.900
_cell.length_c   274.590
_cell.angle_alpha   90.000
_cell.angle_beta   90.000
_cell.angle_gamma   90.000
#
_symmetry.space_group_name_H-M   'P 43'
#
loop_
_entity.id
_entity.type
_entity.pdbx_description
1 polymer 'Ig domain protein group 1 domain protein'
2 non-polymer 'PHOSPHATE ION'
3 water water
#
_entity_poly.entity_id   1
_entity_poly.type   'polypeptide(L)'
_entity_poly.pdbx_seq_one_letter_code
;MGHHHHHHVDENLYFQGGGRGNLSTTNSTLVAAPVNIEANSSDTSVVTLTLRDNNNNPVTGQTVVFTSTLGTLGNVTEQA
SGLYTATLTAGTVSGVASLSVSVGGNALGVTGNITLAPGALDAARSILAVNKPSINADDRIGSTITFTAQDAQGNAITGL
DIAFMTDLENSQIMTLVDHNDGTYTANINGTQTGIANIAVQSSGATIAGLAATMVTITPGAWNTTQATPVMTVALPITTC
QSSSGVYKRYYIGIVTHELYDNYGNEISGILTYNLGAGRYTTVTSQNSSVSGSNGLTRRSNSPVSHFILTSDAYTSQAAC
YAERIANVNVTITVTAITDDFKTSAVNKVFILGTGSN
;
_entity_poly.pdbx_strand_id   A,B
#
# COMPACT_ATOMS: atom_id res chain seq x y z
N LEU A 23 -49.23 43.94 3.55
CA LEU A 23 -48.08 43.54 4.33
C LEU A 23 -46.79 43.66 3.50
N SER A 24 -45.68 43.96 4.17
CA SER A 24 -44.40 44.16 3.52
C SER A 24 -43.59 42.88 3.54
N THR A 25 -42.92 42.59 2.42
CA THR A 25 -42.09 41.41 2.32
C THR A 25 -40.80 41.56 3.10
N THR A 26 -40.21 42.75 3.06
CA THR A 26 -38.92 42.97 3.72
C THR A 26 -39.06 43.19 5.22
N ASN A 27 -40.19 43.76 5.66
CA ASN A 27 -40.41 44.00 7.08
C ASN A 27 -41.04 42.80 7.80
N SER A 28 -41.02 41.63 7.17
CA SER A 28 -41.60 40.42 7.77
C SER A 28 -40.63 39.26 7.62
N THR A 29 -40.68 38.33 8.57
CA THR A 29 -39.75 37.22 8.65
C THR A 29 -40.50 35.92 8.91
N LEU A 30 -40.09 34.86 8.22
CA LEU A 30 -40.59 33.51 8.43
C LEU A 30 -39.41 32.61 8.76
N VAL A 31 -39.40 32.08 9.98
CA VAL A 31 -38.26 31.30 10.47
C VAL A 31 -38.76 30.23 11.43
N ALA A 32 -37.97 29.16 11.56
CA ALA A 32 -38.29 28.05 12.45
C ALA A 32 -37.06 27.66 13.24
N ALA A 33 -37.26 27.41 14.53
CA ALA A 33 -36.16 27.00 15.40
C ALA A 33 -36.63 25.88 16.34
N PRO A 34 -35.73 24.96 16.72
CA PRO A 34 -34.32 24.85 16.34
C PRO A 34 -34.14 24.57 14.85
N VAL A 35 -33.33 25.40 14.19
CA VAL A 35 -33.16 25.28 12.74
C VAL A 35 -32.76 23.87 12.35
N ASN A 36 -32.11 23.14 13.25
CA ASN A 36 -31.76 21.73 13.05
C ASN A 36 -32.45 20.92 14.12
N ILE A 37 -33.28 19.97 13.69
CA ILE A 37 -33.97 19.06 14.61
C ILE A 37 -33.84 17.66 14.05
N GLU A 38 -33.57 16.70 14.93
CA GLU A 38 -33.47 15.31 14.52
C GLU A 38 -34.80 14.82 13.99
N ALA A 39 -34.75 14.06 12.90
CA ALA A 39 -35.96 13.60 12.20
C ALA A 39 -36.58 12.41 12.93
N ASN A 40 -36.91 12.64 14.20
CA ASN A 40 -37.72 11.71 14.97
C ASN A 40 -39.14 12.25 15.05
N SER A 41 -40.06 11.39 15.48
CA SER A 41 -41.45 11.78 15.56
C SER A 41 -41.72 12.82 16.65
N SER A 42 -40.74 13.09 17.52
CA SER A 42 -40.93 13.97 18.67
C SER A 42 -40.39 15.37 18.43
N ASP A 43 -39.14 15.48 17.99
CA ASP A 43 -38.47 16.77 17.84
C ASP A 43 -39.41 17.81 17.25
N THR A 44 -39.80 18.80 18.06
CA THR A 44 -40.71 19.84 17.63
C THR A 44 -39.92 21.06 17.14
N SER A 45 -40.66 22.02 16.58
CA SER A 45 -40.07 23.29 16.17
C SER A 45 -41.16 24.35 16.18
N VAL A 46 -40.74 25.59 16.35
CA VAL A 46 -41.66 26.73 16.40
C VAL A 46 -41.42 27.58 15.16
N VAL A 47 -42.46 27.73 14.35
CA VAL A 47 -42.40 28.54 13.14
C VAL A 47 -42.96 29.91 13.48
N THR A 48 -42.09 30.92 13.47
CA THR A 48 -42.45 32.28 13.84
C THR A 48 -42.56 33.15 12.60
N LEU A 49 -43.68 33.85 12.45
CA LEU A 49 -43.88 34.79 11.36
C LEU A 49 -43.97 36.18 11.96
N THR A 50 -42.86 36.92 11.93
CA THR A 50 -42.86 38.31 12.35
C THR A 50 -43.48 39.14 11.24
N LEU A 51 -44.57 39.84 11.55
CA LEU A 51 -45.38 40.52 10.55
C LEU A 51 -45.47 42.00 10.87
N ARG A 52 -45.17 42.83 9.88
CA ARG A 52 -45.20 44.28 10.03
C ARG A 52 -45.68 44.89 8.71
N ASP A 53 -45.99 46.18 8.77
CA ASP A 53 -46.44 46.94 7.61
C ASP A 53 -45.28 47.74 7.02
N ASN A 54 -45.56 48.42 5.91
CA ASN A 54 -44.51 49.17 5.21
C ASN A 54 -43.82 50.16 6.14
N ASN A 55 -44.52 50.66 7.16
CA ASN A 55 -43.90 51.51 8.16
C ASN A 55 -43.14 50.73 9.22
N ASN A 56 -43.08 49.40 9.10
CA ASN A 56 -42.47 48.53 10.09
C ASN A 56 -43.34 48.40 11.33
N ASN A 57 -44.42 49.17 11.39
CA ASN A 57 -45.35 49.05 12.50
C ASN A 57 -45.96 47.65 12.48
N PRO A 58 -46.00 46.94 13.61
CA PRO A 58 -46.56 45.58 13.59
C PRO A 58 -47.99 45.56 13.07
N VAL A 59 -48.38 44.41 12.54
CA VAL A 59 -49.73 44.18 12.03
C VAL A 59 -50.35 43.07 12.85
N THR A 60 -51.62 43.27 13.23
CA THR A 60 -52.32 42.33 14.11
C THR A 60 -53.67 41.97 13.50
N GLY A 61 -54.13 40.76 13.83
CA GLY A 61 -55.44 40.31 13.41
C GLY A 61 -55.47 39.85 11.96
N GLN A 62 -54.62 38.88 11.62
CA GLN A 62 -54.55 38.34 10.27
C GLN A 62 -54.68 36.82 10.33
N THR A 63 -55.34 36.26 9.31
CA THR A 63 -55.55 34.82 9.22
C THR A 63 -54.43 34.22 8.38
N VAL A 64 -53.53 33.49 9.02
CA VAL A 64 -52.33 32.96 8.37
C VAL A 64 -52.43 31.45 8.29
N VAL A 65 -51.75 30.88 7.30
CA VAL A 65 -51.68 29.44 7.11
C VAL A 65 -50.25 29.08 6.74
N PHE A 66 -49.69 28.07 7.41
CA PHE A 66 -48.36 27.58 7.13
C PHE A 66 -48.44 26.26 6.37
N THR A 67 -47.59 26.11 5.36
CA THR A 67 -47.45 24.86 4.63
C THR A 67 -45.98 24.51 4.56
N SER A 68 -45.61 23.39 5.16
CA SER A 68 -44.25 22.89 5.13
C SER A 68 -44.15 21.70 4.19
N THR A 69 -42.92 21.38 3.79
CA THR A 69 -42.68 20.20 2.96
C THR A 69 -42.35 18.97 3.79
N LEU A 70 -42.09 19.13 5.09
CA LEU A 70 -41.85 18.00 5.97
C LEU A 70 -42.56 18.26 7.30
N GLY A 71 -42.68 17.21 8.11
CA GLY A 71 -43.20 17.34 9.45
C GLY A 71 -44.69 17.61 9.52
N THR A 72 -45.25 17.58 10.73
CA THR A 72 -46.67 17.78 10.97
C THR A 72 -46.86 19.13 11.66
N LEU A 73 -47.57 20.04 11.00
CA LEU A 73 -47.86 21.35 11.55
C LEU A 73 -49.11 21.30 12.41
N GLY A 74 -49.00 21.83 13.62
CA GLY A 74 -50.16 22.03 14.46
C GLY A 74 -50.98 23.21 13.96
N ASN A 75 -51.90 23.64 14.82
CA ASN A 75 -52.79 24.75 14.48
C ASN A 75 -52.08 26.08 14.71
N VAL A 76 -52.48 27.08 13.94
CA VAL A 76 -51.85 28.40 13.98
C VAL A 76 -52.46 29.21 15.12
N THR A 77 -51.65 30.09 15.72
CA THR A 77 -52.07 30.89 16.86
C THR A 77 -51.44 32.27 16.77
N GLU A 78 -52.24 33.29 17.11
CA GLU A 78 -51.76 34.67 17.11
C GLU A 78 -50.92 34.94 18.36
N GLN A 79 -50.09 35.98 18.27
CA GLN A 79 -49.20 36.37 19.35
C GLN A 79 -49.11 37.88 19.41
N ALA A 80 -48.33 38.38 20.37
CA ALA A 80 -48.14 39.81 20.54
C ALA A 80 -47.17 40.35 19.49
N SER A 81 -47.19 41.67 19.32
CA SER A 81 -46.32 42.36 18.39
C SER A 81 -46.52 41.87 16.95
N GLY A 82 -47.68 41.28 16.66
CA GLY A 82 -47.98 40.81 15.32
C GLY A 82 -47.17 39.59 14.93
N LEU A 83 -47.21 38.56 15.76
CA LEU A 83 -46.50 37.31 15.50
C LEU A 83 -47.46 36.13 15.56
N TYR A 84 -47.15 35.09 14.79
CA TYR A 84 -48.00 33.92 14.68
C TYR A 84 -47.14 32.67 14.75
N THR A 85 -47.73 31.57 15.22
CA THR A 85 -46.95 30.39 15.54
C THR A 85 -47.75 29.11 15.25
N ALA A 86 -47.01 28.05 14.92
CA ALA A 86 -47.56 26.71 14.82
C ALA A 86 -46.47 25.73 15.22
N THR A 87 -46.89 24.57 15.74
CA THR A 87 -45.97 23.55 16.23
C THR A 87 -45.75 22.51 15.14
N LEU A 88 -44.49 22.38 14.70
CA LEU A 88 -44.10 21.38 13.72
C LEU A 88 -43.41 20.23 14.46
N THR A 89 -44.14 19.14 14.65
CA THR A 89 -43.52 17.92 15.16
C THR A 89 -42.75 17.26 14.03
N ALA A 90 -41.47 17.03 14.25
CA ALA A 90 -40.64 16.42 13.22
C ALA A 90 -41.23 15.08 12.79
N GLY A 91 -41.31 14.88 11.47
CA GLY A 91 -41.64 13.57 10.95
C GLY A 91 -40.46 12.62 11.13
N THR A 92 -40.24 11.74 10.16
CA THR A 92 -39.10 10.83 10.19
C THR A 92 -38.45 10.81 8.81
N VAL A 93 -38.02 11.99 8.37
CA VAL A 93 -37.33 12.15 7.09
C VAL A 93 -36.33 13.28 7.24
N SER A 94 -35.13 13.07 6.72
CA SER A 94 -34.08 14.07 6.78
C SER A 94 -34.19 15.02 5.59
N GLY A 95 -33.64 16.21 5.76
CA GLY A 95 -33.65 17.23 4.74
C GLY A 95 -34.01 18.57 5.34
N VAL A 96 -34.42 19.50 4.47
CA VAL A 96 -34.79 20.84 4.86
C VAL A 96 -36.26 21.06 4.51
N ALA A 97 -37.08 21.30 5.53
CA ALA A 97 -38.49 21.57 5.32
C ALA A 97 -38.66 23.01 4.85
N SER A 98 -39.02 23.19 3.58
CA SER A 98 -39.22 24.51 3.01
C SER A 98 -40.57 25.05 3.47
N LEU A 99 -40.55 26.12 4.24
CA LEU A 99 -41.76 26.70 4.80
C LEU A 99 -42.32 27.74 3.85
N SER A 100 -43.55 27.52 3.40
CA SER A 100 -44.31 28.51 2.65
C SER A 100 -45.45 29.01 3.51
N VAL A 101 -45.88 30.24 3.24
CA VAL A 101 -46.83 30.93 4.10
C VAL A 101 -47.82 31.71 3.23
N SER A 102 -49.06 31.79 3.71
CA SER A 102 -50.11 32.53 3.03
C SER A 102 -50.96 33.25 4.07
N VAL A 103 -51.27 34.51 3.81
CA VAL A 103 -52.07 35.33 4.70
C VAL A 103 -53.36 35.72 3.97
N GLY A 104 -54.49 35.52 4.63
CA GLY A 104 -55.76 35.79 3.98
C GLY A 104 -55.91 35.09 2.65
N GLY A 105 -55.44 33.85 2.56
CA GLY A 105 -55.49 33.11 1.32
C GLY A 105 -54.57 33.63 0.22
N ASN A 106 -53.73 34.62 0.53
CA ASN A 106 -52.81 35.20 -0.44
C ASN A 106 -51.40 34.82 -0.04
N ALA A 107 -50.68 34.18 -0.96
CA ALA A 107 -49.31 33.78 -0.69
C ALA A 107 -48.46 35.01 -0.33
N LEU A 108 -47.66 34.87 0.72
CA LEU A 108 -46.72 35.91 1.12
C LEU A 108 -45.33 35.55 0.64
N GLY A 109 -44.61 36.56 0.16
CA GLY A 109 -43.31 36.34 -0.45
C GLY A 109 -42.15 36.34 0.51
N VAL A 110 -42.29 35.62 1.62
CA VAL A 110 -41.21 35.47 2.60
C VAL A 110 -40.85 34.00 2.67
N THR A 111 -39.55 33.72 2.85
CA THR A 111 -39.03 32.36 2.89
C THR A 111 -38.75 31.93 4.33
N GLY A 112 -38.44 30.65 4.47
CA GLY A 112 -38.12 30.07 5.76
C GLY A 112 -38.08 28.57 5.66
N ASN A 113 -37.29 27.92 6.52
CA ASN A 113 -37.21 26.47 6.48
C ASN A 113 -36.55 25.98 7.76
N ILE A 114 -36.48 24.66 7.89
CA ILE A 114 -35.85 24.00 9.04
C ILE A 114 -35.23 22.71 8.55
N THR A 115 -34.05 22.39 9.07
CA THR A 115 -33.34 21.19 8.67
C THR A 115 -33.72 20.04 9.59
N LEU A 116 -34.16 18.94 9.00
CA LEU A 116 -34.43 17.71 9.73
C LEU A 116 -33.20 16.83 9.70
N ALA A 117 -32.60 16.60 10.87
CA ALA A 117 -31.34 15.87 10.95
C ALA A 117 -31.61 14.37 11.05
N PRO A 118 -30.81 13.53 10.39
CA PRO A 118 -31.03 12.08 10.53
C PRO A 118 -30.64 11.55 11.89
N GLY A 119 -29.59 12.09 12.49
CA GLY A 119 -29.16 11.65 13.81
C GLY A 119 -28.09 10.55 13.74
N ALA A 120 -28.48 9.34 14.10
CA ALA A 120 -27.55 8.22 14.22
C ALA A 120 -27.55 7.38 12.95
N LEU A 121 -26.55 6.50 12.86
CA LEU A 121 -26.32 5.66 11.70
C LEU A 121 -26.87 4.27 11.94
N ASP A 122 -27.50 3.70 10.91
CA ASP A 122 -28.06 2.36 10.96
C ASP A 122 -27.20 1.44 10.10
N ALA A 123 -26.49 0.52 10.75
CA ALA A 123 -25.63 -0.43 10.05
C ALA A 123 -26.41 -1.53 9.35
N ALA A 124 -27.69 -1.71 9.69
CA ALA A 124 -28.48 -2.79 9.12
C ALA A 124 -28.71 -2.58 7.62
N ARG A 125 -29.32 -1.45 7.27
CA ARG A 125 -29.72 -1.19 5.89
C ARG A 125 -28.71 -0.33 5.13
N SER A 126 -27.68 0.18 5.79
CA SER A 126 -26.56 0.78 5.08
C SER A 126 -25.73 -0.31 4.44
N ILE A 127 -25.32 -0.09 3.20
CA ILE A 127 -24.76 -1.13 2.35
C ILE A 127 -23.29 -0.84 2.05
N LEU A 128 -22.47 -1.89 2.07
CA LEU A 128 -21.06 -1.84 1.72
C LEU A 128 -20.80 -2.85 0.61
N ALA A 129 -20.17 -2.40 -0.47
CA ALA A 129 -19.94 -3.28 -1.61
C ALA A 129 -18.76 -2.77 -2.41
N VAL A 130 -18.02 -3.71 -3.00
CA VAL A 130 -16.94 -3.42 -3.92
C VAL A 130 -17.37 -3.82 -5.32
N ASN A 131 -17.00 -3.01 -6.31
CA ASN A 131 -17.39 -3.30 -7.68
C ASN A 131 -16.66 -4.53 -8.21
N LYS A 132 -15.38 -4.67 -7.89
CA LYS A 132 -14.58 -5.82 -8.34
C LYS A 132 -14.13 -6.64 -7.14
N PRO A 133 -14.64 -7.86 -6.95
CA PRO A 133 -14.13 -8.71 -5.86
C PRO A 133 -12.68 -9.14 -6.05
N SER A 134 -12.01 -8.73 -7.12
CA SER A 134 -10.65 -9.14 -7.36
C SER A 134 -10.00 -8.19 -8.37
N ILE A 135 -8.68 -8.05 -8.26
CA ILE A 135 -7.91 -7.28 -9.23
C ILE A 135 -6.44 -7.60 -8.99
N ASN A 136 -5.61 -7.37 -10.01
CA ASN A 136 -4.22 -7.78 -9.97
C ASN A 136 -3.36 -6.79 -9.20
N ALA A 137 -2.19 -7.26 -8.78
CA ALA A 137 -1.26 -6.43 -8.03
C ALA A 137 -0.56 -5.40 -8.90
N ASP A 138 -0.60 -5.56 -10.23
CA ASP A 138 -0.04 -4.56 -11.11
C ASP A 138 -0.98 -3.36 -11.27
N ASP A 139 -2.28 -3.60 -11.20
CA ASP A 139 -3.27 -2.53 -11.39
C ASP A 139 -3.26 -1.62 -10.17
N ARG A 140 -2.73 -0.40 -10.35
CA ARG A 140 -2.69 0.55 -9.26
C ARG A 140 -4.05 1.15 -8.95
N ILE A 141 -4.97 1.15 -9.91
CA ILE A 141 -6.30 1.70 -9.67
C ILE A 141 -7.13 0.73 -8.83
N GLY A 142 -6.96 -0.57 -9.06
CA GLY A 142 -7.66 -1.55 -8.24
C GLY A 142 -9.17 -1.46 -8.41
N SER A 143 -9.88 -1.57 -7.29
CA SER A 143 -11.33 -1.58 -7.26
C SER A 143 -11.82 -0.54 -6.27
N THR A 144 -13.05 -0.07 -6.48
CA THR A 144 -13.62 1.00 -5.67
C THR A 144 -14.53 0.42 -4.60
N ILE A 145 -14.30 0.82 -3.36
CA ILE A 145 -15.17 0.49 -2.25
C ILE A 145 -16.28 1.53 -2.19
N THR A 146 -17.51 1.06 -1.95
CA THR A 146 -18.67 1.94 -1.92
C THR A 146 -19.47 1.68 -0.65
N PHE A 147 -19.64 2.71 0.16
CA PHE A 147 -20.47 2.64 1.36
C PHE A 147 -21.68 3.54 1.20
N THR A 148 -22.78 3.16 1.85
CA THR A 148 -24.05 3.87 1.74
C THR A 148 -24.63 4.02 3.15
N ALA A 149 -24.28 5.12 3.80
CA ALA A 149 -24.78 5.37 5.15
C ALA A 149 -26.28 5.62 5.13
N GLN A 150 -26.97 5.07 6.12
CA GLN A 150 -28.42 5.20 6.20
C GLN A 150 -28.84 5.29 7.67
N ASP A 151 -29.69 6.27 7.97
CA ASP A 151 -30.28 6.37 9.29
C ASP A 151 -31.19 5.18 9.55
N ALA A 152 -31.62 5.04 10.81
CA ALA A 152 -32.54 3.97 11.17
C ALA A 152 -33.78 3.98 10.27
N GLN A 153 -34.25 5.16 9.90
CA GLN A 153 -35.46 5.29 9.08
C GLN A 153 -35.17 5.24 7.59
N GLY A 154 -33.92 5.01 7.18
CA GLY A 154 -33.60 4.89 5.78
C GLY A 154 -33.24 6.19 5.10
N ASN A 155 -32.75 7.18 5.85
CA ASN A 155 -32.33 8.46 5.29
C ASN A 155 -30.81 8.56 5.30
N ALA A 156 -30.28 9.28 4.31
CA ALA A 156 -28.85 9.43 4.18
C ALA A 156 -28.27 10.21 5.34
N ILE A 157 -26.97 10.00 5.59
CA ILE A 157 -26.24 10.70 6.63
C ILE A 157 -24.94 11.21 6.04
N THR A 158 -24.75 12.53 6.07
CA THR A 158 -23.58 13.17 5.50
C THR A 158 -22.69 13.74 6.60
N GLY A 159 -21.50 14.18 6.20
CA GLY A 159 -20.58 14.80 7.13
C GLY A 159 -19.95 13.86 8.14
N LEU A 160 -20.16 12.55 7.99
CA LEU A 160 -19.57 11.59 8.92
C LEU A 160 -18.07 11.45 8.68
N ASP A 161 -17.32 11.29 9.77
CA ASP A 161 -15.88 11.11 9.68
C ASP A 161 -15.56 9.66 9.33
N ILE A 162 -15.99 9.26 8.13
CA ILE A 162 -15.88 7.88 7.70
C ILE A 162 -14.41 7.53 7.42
N ALA A 163 -14.10 6.24 7.52
CA ALA A 163 -12.77 5.75 7.20
C ALA A 163 -12.86 4.26 6.87
N PHE A 164 -12.28 3.88 5.74
CA PHE A 164 -12.21 2.48 5.34
C PHE A 164 -10.90 1.86 5.81
N MET A 165 -10.88 0.52 5.82
CA MET A 165 -9.72 -0.22 6.30
C MET A 165 -9.67 -1.56 5.58
N THR A 166 -8.52 -2.22 5.67
CA THR A 166 -8.31 -3.53 5.09
C THR A 166 -7.53 -4.40 6.06
N ASP A 167 -7.58 -5.71 5.80
CA ASP A 167 -6.89 -6.68 6.63
C ASP A 167 -5.71 -7.35 5.94
N LEU A 168 -5.48 -7.07 4.66
CA LEU A 168 -4.38 -7.64 3.91
C LEU A 168 -3.21 -6.66 3.91
N GLU A 169 -2.01 -7.19 4.12
CA GLU A 169 -0.82 -6.37 4.17
C GLU A 169 -0.43 -5.87 2.78
N ASN A 170 0.29 -4.76 2.75
CA ASN A 170 0.76 -4.15 1.50
C ASN A 170 -0.39 -3.76 0.58
N SER A 171 -1.58 -3.56 1.14
CA SER A 171 -2.72 -3.03 0.42
C SER A 171 -3.06 -1.67 0.99
N GLN A 172 -3.28 -0.68 0.12
CA GLN A 172 -3.45 0.70 0.54
C GLN A 172 -4.84 1.19 0.19
N ILE A 173 -5.51 1.79 1.16
CA ILE A 173 -6.74 2.53 0.92
C ILE A 173 -6.38 3.90 0.35
N MET A 174 -7.10 4.32 -0.67
CA MET A 174 -6.80 5.55 -1.38
C MET A 174 -7.72 6.67 -0.89
N THR A 175 -7.75 7.78 -1.64
CA THR A 175 -8.50 8.96 -1.21
C THR A 175 -9.95 8.59 -0.91
N LEU A 176 -10.55 9.32 0.02
CA LEU A 176 -11.93 9.11 0.43
C LEU A 176 -12.73 10.39 0.20
N VAL A 177 -14.03 10.23 -0.02
CA VAL A 177 -14.89 11.32 -0.43
C VAL A 177 -16.19 11.27 0.36
N ASP A 178 -16.64 12.42 0.87
CA ASP A 178 -17.95 12.56 1.49
C ASP A 178 -18.87 13.11 0.39
N HIS A 179 -19.55 12.20 -0.32
CA HIS A 179 -20.35 12.58 -1.48
C HIS A 179 -21.56 13.43 -1.12
N ASN A 180 -21.75 13.81 0.13
CA ASN A 180 -22.87 14.66 0.52
C ASN A 180 -24.19 14.04 0.12
N ASP A 181 -24.27 12.70 0.15
CA ASP A 181 -25.53 12.02 -0.13
C ASP A 181 -25.65 10.71 0.65
N GLY A 182 -24.89 10.54 1.73
CA GLY A 182 -24.91 9.32 2.51
C GLY A 182 -23.94 8.26 2.04
N THR A 183 -23.26 8.48 0.92
CA THR A 183 -22.31 7.52 0.39
C THR A 183 -20.89 8.03 0.56
N TYR A 184 -19.97 7.09 0.79
CA TYR A 184 -18.56 7.37 0.95
C TYR A 184 -17.79 6.27 0.24
N THR A 185 -16.89 6.65 -0.67
CA THR A 185 -16.19 5.69 -1.52
C THR A 185 -14.68 5.87 -1.39
N ALA A 186 -13.95 4.85 -1.84
CA ALA A 186 -12.49 4.87 -1.81
C ALA A 186 -12.00 3.59 -2.48
N ASN A 187 -10.90 3.71 -3.22
CA ASN A 187 -10.31 2.59 -3.92
C ASN A 187 -9.30 1.87 -3.04
N ILE A 188 -8.84 0.71 -3.51
CA ILE A 188 -7.88 -0.11 -2.80
C ILE A 188 -7.05 -0.87 -3.82
N ASN A 189 -5.78 -1.10 -3.48
CA ASN A 189 -4.87 -1.86 -4.31
C ASN A 189 -3.75 -2.40 -3.43
N GLY A 190 -3.26 -3.58 -3.78
CA GLY A 190 -2.23 -4.22 -2.99
C GLY A 190 -1.18 -4.86 -3.89
N THR A 191 0.05 -4.86 -3.40
CA THR A 191 1.15 -5.55 -4.07
C THR A 191 1.24 -7.01 -3.66
N GLN A 192 0.77 -7.34 -2.47
CA GLN A 192 0.86 -8.69 -1.92
C GLN A 192 -0.45 -9.42 -2.19
N THR A 193 -0.36 -10.60 -2.81
CA THR A 193 -1.55 -11.35 -3.15
C THR A 193 -2.30 -11.75 -1.89
N GLY A 194 -3.59 -12.03 -2.05
CA GLY A 194 -4.41 -12.47 -0.94
C GLY A 194 -5.81 -11.90 -0.98
N ILE A 195 -6.64 -12.31 -0.02
CA ILE A 195 -8.00 -11.80 0.12
C ILE A 195 -7.99 -10.71 1.18
N ALA A 196 -8.52 -9.54 0.83
CA ALA A 196 -8.51 -8.36 1.68
C ALA A 196 -9.95 -7.99 2.04
N ASN A 197 -10.42 -8.48 3.18
CA ASN A 197 -11.71 -8.05 3.68
C ASN A 197 -11.70 -6.53 3.86
N ILE A 198 -12.90 -5.95 3.85
CA ILE A 198 -13.06 -4.50 3.92
C ILE A 198 -13.79 -4.14 5.20
N ALA A 199 -13.40 -3.02 5.80
CA ALA A 199 -13.99 -2.54 7.04
C ALA A 199 -14.21 -1.04 6.94
N VAL A 200 -15.00 -0.50 7.89
CA VAL A 200 -15.38 0.90 7.88
C VAL A 200 -15.46 1.38 9.33
N GLN A 201 -15.18 2.67 9.53
CA GLN A 201 -15.36 3.28 10.84
C GLN A 201 -15.66 4.77 10.66
N SER A 202 -16.45 5.31 11.58
CA SER A 202 -16.83 6.71 11.57
C SER A 202 -16.32 7.37 12.84
N SER A 203 -15.57 8.44 12.69
CA SER A 203 -15.05 9.19 13.83
C SER A 203 -14.36 8.26 14.81
N GLY A 204 -13.50 7.39 14.28
CA GLY A 204 -12.80 6.42 15.09
C GLY A 204 -13.76 5.48 15.81
N ALA A 205 -14.71 4.92 15.08
CA ALA A 205 -15.67 3.97 15.65
C ALA A 205 -16.06 3.00 14.55
N THR A 206 -15.71 1.73 14.73
CA THR A 206 -15.88 0.73 13.68
C THR A 206 -17.29 0.16 13.69
N ILE A 207 -17.83 -0.04 12.49
CA ILE A 207 -19.16 -0.62 12.34
C ILE A 207 -19.11 -2.10 12.69
N ALA A 208 -20.17 -2.60 13.32
CA ALA A 208 -20.18 -3.98 13.80
C ALA A 208 -20.74 -4.93 12.75
N GLY A 209 -22.06 -5.02 12.65
CA GLY A 209 -22.69 -5.99 11.79
C GLY A 209 -22.90 -5.48 10.38
N LEU A 210 -21.97 -5.80 9.48
CA LEU A 210 -22.04 -5.32 8.11
C LEU A 210 -21.64 -6.44 7.16
N ALA A 211 -22.22 -6.41 5.96
CA ALA A 211 -21.99 -7.45 4.96
C ALA A 211 -20.51 -7.59 4.66
N ALA A 212 -19.93 -8.74 5.02
CA ALA A 212 -18.53 -9.00 4.72
C ALA A 212 -18.27 -8.80 3.24
N THR A 213 -17.19 -8.09 2.92
CA THR A 213 -16.83 -7.79 1.55
C THR A 213 -15.36 -8.09 1.34
N MET A 214 -15.04 -8.84 0.28
CA MET A 214 -13.70 -9.30 0.01
C MET A 214 -13.19 -8.71 -1.30
N VAL A 215 -11.87 -8.60 -1.39
CA VAL A 215 -11.19 -8.16 -2.61
C VAL A 215 -9.91 -8.99 -2.72
N THR A 216 -9.89 -9.93 -3.65
CA THR A 216 -8.76 -10.82 -3.81
C THR A 216 -7.75 -10.18 -4.76
N ILE A 217 -6.49 -10.18 -4.36
CA ILE A 217 -5.43 -9.57 -5.17
C ILE A 217 -4.92 -10.64 -6.13
N THR A 218 -5.20 -10.48 -7.42
CA THR A 218 -4.70 -11.40 -8.41
C THR A 218 -3.20 -11.17 -8.59
N PRO A 219 -2.44 -12.22 -8.92
CA PRO A 219 -1.03 -12.01 -9.26
C PRO A 219 -0.87 -10.98 -10.36
N GLY A 220 0.23 -10.23 -10.29
CA GLY A 220 0.49 -9.18 -11.26
C GLY A 220 1.18 -9.71 -12.50
N ALA A 221 2.12 -8.94 -13.03
CA ALA A 221 2.86 -9.32 -14.22
C ALA A 221 4.15 -10.02 -13.83
N TRP A 222 4.40 -11.17 -14.44
CA TRP A 222 5.60 -11.94 -14.15
C TRP A 222 6.85 -11.11 -14.41
N ASN A 223 7.83 -11.22 -13.53
CA ASN A 223 9.07 -10.46 -13.67
C ASN A 223 9.96 -11.13 -14.69
N THR A 224 10.06 -10.53 -15.87
CA THR A 224 10.90 -11.09 -16.93
C THR A 224 12.31 -11.37 -16.43
N THR A 225 12.81 -10.54 -15.51
CA THR A 225 14.16 -10.69 -14.96
C THR A 225 14.11 -11.47 -13.64
N GLN A 226 13.67 -12.71 -13.74
CA GLN A 226 13.57 -13.60 -12.59
C GLN A 226 14.86 -14.40 -12.43
N ALA A 227 15.33 -14.50 -11.19
CA ALA A 227 16.61 -15.16 -10.92
C ALA A 227 16.46 -16.67 -10.88
N THR A 228 15.44 -17.16 -10.18
CA THR A 228 15.33 -18.60 -9.93
C THR A 228 15.05 -19.35 -11.22
N PRO A 229 15.30 -20.65 -11.23
CA PRO A 229 14.92 -21.49 -12.37
C PRO A 229 13.42 -21.79 -12.34
N VAL A 230 12.96 -22.47 -13.39
CA VAL A 230 11.55 -22.80 -13.53
C VAL A 230 11.29 -24.27 -13.77
N MET A 231 12.28 -25.06 -14.15
CA MET A 231 12.08 -26.45 -14.49
C MET A 231 13.33 -27.24 -14.11
N THR A 232 13.14 -28.53 -13.82
CA THR A 232 14.25 -29.41 -13.48
C THR A 232 13.98 -30.77 -14.11
N VAL A 233 14.75 -31.10 -15.14
CA VAL A 233 14.70 -32.43 -15.75
C VAL A 233 15.72 -33.30 -15.04
N ALA A 234 15.33 -34.54 -14.75
CA ALA A 234 16.18 -35.46 -14.00
C ALA A 234 16.10 -36.85 -14.61
N LEU A 235 17.09 -37.67 -14.26
CA LEU A 235 17.09 -39.06 -14.67
C LEU A 235 16.01 -39.82 -13.92
N PRO A 236 15.64 -41.01 -14.42
CA PRO A 236 14.62 -41.81 -13.72
C PRO A 236 15.21 -42.59 -12.56
N ILE A 237 14.48 -42.58 -11.45
CA ILE A 237 14.74 -43.50 -10.34
C ILE A 237 13.52 -44.41 -10.24
N THR A 238 12.40 -43.83 -9.86
CA THR A 238 11.11 -44.52 -9.93
C THR A 238 10.91 -45.04 -11.34
N THR A 239 10.78 -46.36 -11.47
CA THR A 239 10.56 -46.98 -12.76
C THR A 239 10.04 -48.39 -12.52
N CYS A 240 9.60 -49.02 -13.62
CA CYS A 240 9.07 -50.39 -13.57
C CYS A 240 7.83 -50.45 -12.67
N GLN A 241 6.74 -49.89 -13.18
CA GLN A 241 5.46 -49.92 -12.50
C GLN A 241 4.35 -50.04 -13.52
N SER A 242 3.26 -50.68 -13.09
CA SER A 242 2.12 -50.93 -13.98
C SER A 242 1.60 -49.64 -14.60
N SER A 243 1.87 -49.43 -15.88
CA SER A 243 1.32 -48.31 -16.61
C SER A 243 0.07 -48.75 -17.35
N SER A 244 0.25 -49.57 -18.39
CA SER A 244 -0.86 -50.20 -19.11
C SER A 244 -1.08 -51.61 -18.59
N GLY A 245 -1.17 -51.75 -17.28
CA GLY A 245 -1.15 -53.06 -16.65
C GLY A 245 0.19 -53.75 -16.70
N VAL A 246 1.20 -53.13 -17.31
CA VAL A 246 2.54 -53.70 -17.42
C VAL A 246 3.55 -52.67 -16.94
N TYR A 247 4.74 -53.15 -16.63
CA TYR A 247 5.80 -52.31 -16.10
C TYR A 247 6.63 -51.75 -17.26
N LYS A 248 6.85 -50.44 -17.25
CA LYS A 248 7.61 -49.78 -18.29
C LYS A 248 8.72 -48.94 -17.66
N ARG A 249 9.78 -48.73 -18.43
CA ARG A 249 10.89 -47.91 -17.96
C ARG A 249 10.56 -46.44 -18.17
N TYR A 250 10.80 -45.64 -17.14
CA TYR A 250 10.53 -44.20 -17.22
C TYR A 250 11.72 -43.52 -17.88
N TYR A 251 11.43 -42.70 -18.90
CA TYR A 251 12.51 -42.07 -19.67
C TYR A 251 13.16 -40.94 -18.90
N ILE A 252 12.36 -39.95 -18.48
CA ILE A 252 12.87 -38.79 -17.75
C ILE A 252 11.77 -38.27 -16.84
N GLY A 253 12.13 -37.35 -15.95
CA GLY A 253 11.20 -36.77 -15.01
C GLY A 253 11.28 -35.27 -15.02
N ILE A 254 10.11 -34.62 -14.95
CA ILE A 254 9.98 -33.18 -15.09
C ILE A 254 9.34 -32.62 -13.83
N VAL A 255 9.93 -31.54 -13.30
CA VAL A 255 9.39 -30.84 -12.15
C VAL A 255 9.45 -29.34 -12.44
N THR A 256 8.42 -28.62 -12.02
CA THR A 256 8.33 -27.18 -12.20
C THR A 256 8.29 -26.50 -10.83
N HIS A 257 8.53 -25.19 -10.84
CA HIS A 257 8.61 -24.43 -9.59
C HIS A 257 7.72 -23.20 -9.67
N GLU A 258 7.81 -22.35 -8.67
CA GLU A 258 6.91 -21.19 -8.58
C GLU A 258 7.34 -20.09 -9.53
N LEU A 259 6.38 -19.27 -9.92
CA LEU A 259 6.62 -18.08 -10.72
C LEU A 259 6.20 -16.86 -9.92
N TYR A 260 6.81 -15.72 -10.22
CA TYR A 260 6.68 -14.55 -9.37
C TYR A 260 6.52 -13.28 -10.21
N ASP A 261 5.64 -12.40 -9.77
CA ASP A 261 5.50 -11.08 -10.36
C ASP A 261 6.66 -10.20 -9.90
N ASN A 262 6.65 -8.93 -10.33
CA ASN A 262 7.70 -8.02 -9.94
C ASN A 262 7.77 -7.80 -8.44
N TYR A 263 6.71 -8.15 -7.71
CA TYR A 263 6.71 -8.03 -6.25
C TYR A 263 7.12 -9.31 -5.56
N GLY A 264 6.89 -10.46 -6.19
CA GLY A 264 7.27 -11.74 -5.63
C GLY A 264 6.12 -12.64 -5.23
N ASN A 265 4.91 -12.35 -5.68
CA ASN A 265 3.76 -13.18 -5.34
C ASN A 265 3.66 -14.36 -6.30
N GLU A 266 3.32 -15.52 -5.76
CA GLU A 266 3.31 -16.74 -6.54
C GLU A 266 2.32 -16.61 -7.69
N ILE A 267 2.83 -16.74 -8.92
CA ILE A 267 2.01 -16.82 -10.12
C ILE A 267 1.84 -18.29 -10.47
N SER A 268 0.65 -18.65 -10.95
CA SER A 268 0.34 -20.01 -11.37
C SER A 268 0.11 -19.98 -12.88
N GLY A 269 1.17 -20.25 -13.64
CA GLY A 269 1.11 -20.16 -15.08
C GLY A 269 1.35 -21.48 -15.79
N ILE A 270 1.49 -21.43 -17.12
CA ILE A 270 1.69 -22.60 -17.95
C ILE A 270 3.05 -22.51 -18.63
N LEU A 271 3.74 -23.63 -18.70
CA LEU A 271 5.04 -23.72 -19.35
C LEU A 271 4.92 -24.51 -20.65
N THR A 272 5.57 -24.01 -21.70
CA THR A 272 5.56 -24.64 -23.01
C THR A 272 6.99 -25.03 -23.35
N TYR A 273 7.25 -26.34 -23.44
CA TYR A 273 8.58 -26.85 -23.71
C TYR A 273 8.54 -27.85 -24.86
N ASN A 274 9.72 -28.17 -25.39
CA ASN A 274 9.88 -29.14 -26.44
C ASN A 274 10.90 -30.18 -26.02
N LEU A 275 10.51 -31.45 -26.07
CA LEU A 275 11.46 -32.53 -25.84
C LEU A 275 12.41 -32.64 -27.02
N GLY A 276 13.71 -32.74 -26.73
CA GLY A 276 14.69 -32.91 -27.77
C GLY A 276 14.90 -34.36 -28.14
N ALA A 277 15.50 -34.57 -29.31
CA ALA A 277 15.86 -35.91 -29.74
C ALA A 277 16.92 -36.48 -28.81
N GLY A 278 16.49 -37.12 -27.74
CA GLY A 278 17.40 -37.60 -26.73
C GLY A 278 17.97 -38.97 -27.04
N ARG A 279 19.07 -39.28 -26.36
CA ARG A 279 19.69 -40.59 -26.42
C ARG A 279 20.08 -41.01 -25.01
N TYR A 280 19.84 -42.27 -24.68
CA TYR A 280 20.08 -42.78 -23.34
C TYR A 280 20.90 -44.06 -23.42
N THR A 281 21.31 -44.53 -22.26
CA THR A 281 22.10 -45.75 -22.13
C THR A 281 21.60 -46.54 -20.94
N THR A 282 21.35 -47.83 -21.14
CA THR A 282 20.77 -48.68 -20.10
C THR A 282 21.86 -49.41 -19.32
N VAL A 283 21.49 -49.89 -18.14
CA VAL A 283 22.42 -50.58 -17.25
C VAL A 283 23.03 -51.81 -17.89
N THR A 284 22.52 -52.24 -19.04
CA THR A 284 23.14 -53.32 -19.80
C THR A 284 24.12 -52.80 -20.85
N SER A 285 24.35 -51.49 -20.89
CA SER A 285 25.30 -50.79 -21.76
C SER A 285 24.69 -50.41 -23.10
N GLN A 286 23.48 -50.88 -23.42
CA GLN A 286 22.85 -50.49 -24.68
C GLN A 286 22.68 -48.98 -24.74
N ASN A 287 22.75 -48.44 -25.96
CA ASN A 287 22.58 -47.01 -26.20
C ASN A 287 21.51 -46.84 -27.26
N SER A 288 20.34 -46.34 -26.86
CA SER A 288 19.23 -46.12 -27.75
C SER A 288 18.92 -44.63 -27.85
N SER A 289 18.04 -44.29 -28.78
CA SER A 289 17.64 -42.91 -29.00
C SER A 289 16.13 -42.78 -28.85
N VAL A 290 15.69 -41.57 -28.49
CA VAL A 290 14.28 -41.25 -28.31
C VAL A 290 14.01 -39.95 -29.05
N SER A 291 13.12 -40.01 -30.04
CA SER A 291 12.80 -38.80 -30.79
C SER A 291 12.13 -37.78 -29.87
N GLY A 292 12.53 -36.53 -30.01
CA GLY A 292 11.94 -35.47 -29.24
C GLY A 292 10.47 -35.28 -29.55
N SER A 293 9.86 -34.24 -28.97
CA SER A 293 8.46 -33.95 -29.22
C SER A 293 8.21 -32.49 -28.90
N ASN A 294 7.32 -31.88 -29.68
CA ASN A 294 7.03 -30.47 -29.58
C ASN A 294 5.64 -30.25 -28.99
N GLY A 295 5.41 -29.04 -28.51
CA GLY A 295 4.10 -28.65 -28.03
C GLY A 295 3.72 -29.19 -26.67
N LEU A 296 4.69 -29.58 -25.85
CA LEU A 296 4.40 -30.11 -24.52
C LEU A 296 4.12 -28.99 -23.53
N THR A 297 3.21 -29.27 -22.59
CA THR A 297 2.74 -28.26 -21.65
C THR A 297 2.68 -28.85 -20.25
N ARG A 298 2.86 -27.99 -19.25
CA ARG A 298 2.75 -28.38 -17.86
C ARG A 298 2.62 -27.11 -17.02
N ARG A 299 1.97 -27.26 -15.86
CA ARG A 299 1.77 -26.14 -14.96
C ARG A 299 3.03 -25.88 -14.13
N SER A 300 3.14 -24.64 -13.64
CA SER A 300 4.24 -24.28 -12.78
C SER A 300 4.06 -24.90 -11.39
N ASN A 301 5.17 -25.03 -10.67
CA ASN A 301 5.16 -25.55 -9.31
C ASN A 301 4.41 -26.89 -9.25
N SER A 302 4.68 -27.76 -10.23
CA SER A 302 4.00 -29.04 -10.36
C SER A 302 4.92 -30.18 -9.97
N PRO A 303 4.40 -31.23 -9.33
CA PRO A 303 5.25 -32.37 -8.95
C PRO A 303 5.73 -33.15 -10.17
N VAL A 304 6.45 -34.25 -9.93
CA VAL A 304 7.16 -34.91 -11.02
C VAL A 304 6.18 -35.45 -12.05
N SER A 305 6.51 -35.25 -13.32
CA SER A 305 5.79 -35.83 -14.45
C SER A 305 6.68 -36.88 -15.08
N HIS A 306 6.32 -38.15 -14.89
CA HIS A 306 7.15 -39.26 -15.34
C HIS A 306 6.86 -39.51 -16.82
N PHE A 307 7.78 -39.07 -17.68
CA PHE A 307 7.71 -39.42 -19.09
C PHE A 307 8.24 -40.83 -19.27
N ILE A 308 7.37 -41.73 -19.70
CA ILE A 308 7.70 -43.14 -19.80
C ILE A 308 7.92 -43.49 -21.27
N LEU A 309 8.77 -44.49 -21.50
CA LEU A 309 9.00 -44.97 -22.86
C LEU A 309 7.72 -45.55 -23.40
N THR A 310 7.02 -44.78 -24.25
CA THR A 310 5.77 -45.25 -24.83
C THR A 310 5.92 -46.58 -25.57
N SER A 311 7.15 -47.02 -25.85
CA SER A 311 7.41 -48.28 -26.54
C SER A 311 7.60 -49.47 -25.60
N ASP A 312 7.91 -49.21 -24.32
CA ASP A 312 8.16 -50.31 -23.40
C ASP A 312 6.95 -51.23 -23.31
N ALA A 313 7.21 -52.45 -22.83
CA ALA A 313 6.16 -53.45 -22.65
C ALA A 313 6.64 -54.55 -21.72
N TYR A 314 7.48 -54.19 -20.75
CA TYR A 314 8.05 -55.17 -19.84
C TYR A 314 6.98 -55.72 -18.91
N THR A 315 6.97 -57.04 -18.74
CA THR A 315 5.99 -57.71 -17.90
C THR A 315 6.50 -57.91 -16.48
N SER A 316 7.80 -57.79 -16.24
CA SER A 316 8.39 -58.03 -14.93
C SER A 316 9.06 -56.76 -14.44
N GLN A 317 8.65 -56.30 -13.26
CA GLN A 317 9.32 -55.17 -12.63
C GLN A 317 10.81 -55.44 -12.46
N ALA A 318 11.19 -56.71 -12.32
CA ALA A 318 12.61 -57.06 -12.20
C ALA A 318 13.33 -56.87 -13.53
N ALA A 319 12.75 -57.38 -14.62
CA ALA A 319 13.38 -57.24 -15.93
C ALA A 319 13.58 -55.78 -16.28
N CYS A 320 12.51 -54.98 -16.20
CA CYS A 320 12.60 -53.56 -16.48
C CYS A 320 13.65 -52.89 -15.61
N TYR A 321 13.73 -53.28 -14.34
CA TYR A 321 14.72 -52.69 -13.44
C TYR A 321 16.13 -53.13 -13.79
N ALA A 322 16.29 -54.37 -14.26
CA ALA A 322 17.59 -54.83 -14.78
C ALA A 322 17.93 -54.18 -16.12
N GLU A 323 17.04 -53.36 -16.67
CA GLU A 323 17.28 -52.64 -17.91
C GLU A 323 17.07 -51.14 -17.75
N ARG A 324 16.97 -50.65 -16.51
CA ARG A 324 16.68 -49.25 -16.28
C ARG A 324 17.69 -48.36 -16.99
N ILE A 325 17.27 -47.13 -17.27
CA ILE A 325 18.10 -46.17 -17.98
C ILE A 325 19.10 -45.59 -17.00
N ALA A 326 20.39 -45.63 -17.39
CA ALA A 326 21.47 -45.13 -16.55
C ALA A 326 21.87 -43.69 -16.88
N ASN A 327 21.73 -43.28 -18.13
CA ASN A 327 22.05 -41.92 -18.52
C ASN A 327 21.17 -41.52 -19.69
N VAL A 328 20.77 -40.25 -19.72
CA VAL A 328 19.97 -39.69 -20.79
C VAL A 328 20.69 -38.45 -21.29
N ASN A 329 20.74 -38.28 -22.61
CA ASN A 329 21.38 -37.13 -23.24
C ASN A 329 20.36 -36.47 -24.15
N VAL A 330 19.70 -35.43 -23.62
CA VAL A 330 18.58 -34.79 -24.29
C VAL A 330 18.59 -33.30 -23.95
N THR A 331 18.01 -32.51 -24.85
CA THR A 331 17.85 -31.07 -24.65
C THR A 331 16.38 -30.77 -24.38
N ILE A 332 16.08 -30.27 -23.19
CA ILE A 332 14.74 -29.80 -22.84
C ILE A 332 14.74 -28.29 -22.92
N THR A 333 13.78 -27.74 -23.66
CA THR A 333 13.78 -26.32 -24.01
C THR A 333 12.40 -25.73 -23.73
N VAL A 334 12.32 -24.86 -22.72
CA VAL A 334 11.11 -24.08 -22.48
C VAL A 334 11.10 -22.89 -23.41
N THR A 335 10.01 -22.71 -24.14
CA THR A 335 9.94 -21.71 -25.21
C THR A 335 8.91 -20.62 -24.96
N ALA A 336 8.08 -20.72 -23.93
CA ALA A 336 7.06 -19.72 -23.71
C ALA A 336 6.47 -19.88 -22.31
N ILE A 337 6.14 -18.74 -21.69
CA ILE A 337 5.46 -18.71 -20.40
C ILE A 337 4.19 -17.89 -20.57
N THR A 338 3.17 -18.23 -19.79
CA THR A 338 1.85 -17.62 -19.91
C THR A 338 1.59 -16.73 -18.69
N ASP A 339 1.92 -15.45 -18.82
CA ASP A 339 1.58 -14.48 -17.80
C ASP A 339 0.08 -14.42 -17.60
N ASP A 340 -0.34 -13.89 -16.45
CA ASP A 340 -1.76 -13.71 -16.19
C ASP A 340 -2.41 -12.70 -17.13
N PHE A 341 -1.63 -12.05 -18.00
CA PHE A 341 -2.18 -11.08 -18.93
C PHE A 341 -1.67 -11.23 -20.36
N LYS A 342 -0.70 -12.10 -20.62
CA LYS A 342 -0.28 -12.41 -21.99
C LYS A 342 0.63 -13.62 -21.94
N THR A 343 0.91 -14.18 -23.11
CA THR A 343 1.75 -15.36 -23.25
C THR A 343 3.15 -14.90 -23.66
N SER A 344 4.00 -14.66 -22.67
CA SER A 344 5.34 -14.18 -22.92
C SER A 344 6.22 -15.31 -23.46
N ALA A 345 7.08 -14.97 -24.42
CA ALA A 345 7.98 -15.93 -25.02
C ALA A 345 9.32 -15.92 -24.32
N VAL A 346 9.91 -17.11 -24.17
CA VAL A 346 11.21 -17.26 -23.51
C VAL A 346 12.01 -18.32 -24.23
N ASN A 347 13.12 -18.73 -23.63
CA ASN A 347 13.97 -19.76 -24.22
C ASN A 347 14.94 -20.30 -23.17
N LYS A 348 14.45 -21.19 -22.31
CA LYS A 348 15.25 -21.78 -21.24
C LYS A 348 15.50 -23.25 -21.56
N VAL A 349 16.78 -23.64 -21.51
CA VAL A 349 17.19 -24.99 -21.86
C VAL A 349 17.60 -25.75 -20.61
N PHE A 350 17.51 -27.07 -20.68
CA PHE A 350 17.87 -27.93 -19.56
C PHE A 350 18.46 -29.22 -20.12
N ILE A 351 19.60 -29.64 -19.57
CA ILE A 351 20.39 -30.73 -20.15
C ILE A 351 20.52 -31.85 -19.13
N LEU A 352 20.54 -33.07 -19.64
CA LEU A 352 21.01 -34.24 -18.92
C LEU A 352 22.16 -34.85 -19.72
N GLY A 353 23.30 -35.02 -19.08
CA GLY A 353 24.46 -35.50 -19.80
C GLY A 353 24.87 -34.52 -20.87
N THR A 354 25.24 -35.05 -22.05
CA THR A 354 25.68 -34.20 -23.14
C THR A 354 24.52 -33.53 -23.87
N GLY A 355 23.30 -34.05 -23.73
CA GLY A 355 22.14 -33.47 -24.36
C GLY A 355 21.86 -34.05 -25.74
N SER A 356 20.69 -33.68 -26.28
CA SER A 356 20.30 -34.08 -27.62
C SER A 356 21.35 -33.70 -28.65
N ASN A 357 21.37 -34.38 -29.79
CA ASN A 357 22.25 -34.02 -30.90
C ASN A 357 21.41 -33.72 -32.12
N GLY B 19 60.68 -36.24 -24.04
CA GLY B 19 60.70 -35.25 -25.11
C GLY B 19 59.39 -34.49 -25.23
N ARG B 20 58.31 -35.11 -24.74
CA ARG B 20 57.01 -34.47 -24.60
C ARG B 20 56.30 -34.34 -25.94
N GLY B 21 55.55 -35.37 -26.31
CA GLY B 21 54.75 -35.34 -27.51
C GLY B 21 53.73 -34.21 -27.47
N ASN B 22 53.14 -33.97 -28.64
CA ASN B 22 52.23 -32.84 -28.82
C ASN B 22 50.89 -33.15 -28.19
N LEU B 23 50.50 -32.36 -27.20
CA LEU B 23 49.35 -32.62 -26.36
C LEU B 23 48.15 -31.81 -26.84
N SER B 24 47.02 -32.50 -27.05
CA SER B 24 45.82 -31.85 -27.52
C SER B 24 45.01 -31.28 -26.37
N THR B 25 44.32 -30.17 -26.64
CA THR B 25 43.45 -29.54 -25.66
C THR B 25 42.05 -30.13 -25.66
N THR B 26 41.62 -30.67 -26.79
CA THR B 26 40.24 -31.15 -26.93
C THR B 26 39.96 -32.40 -26.11
N ASN B 27 40.99 -33.10 -25.64
CA ASN B 27 40.82 -34.37 -24.95
C ASN B 27 41.15 -34.32 -23.47
N SER B 28 42.01 -33.40 -23.04
CA SER B 28 42.42 -33.34 -21.64
C SER B 28 41.39 -32.55 -20.83
N THR B 29 40.88 -33.17 -19.76
CA THR B 29 39.91 -32.52 -18.90
C THR B 29 40.62 -31.72 -17.82
N LEU B 30 40.01 -30.59 -17.44
CA LEU B 30 40.49 -29.76 -16.33
C LEU B 30 39.25 -29.33 -15.54
N VAL B 31 38.77 -30.21 -14.68
CA VAL B 31 37.54 -30.00 -13.93
C VAL B 31 37.82 -30.28 -12.46
N ALA B 32 37.24 -29.48 -11.59
CA ALA B 32 37.35 -29.65 -10.15
C ALA B 32 36.04 -30.15 -9.57
N ALA B 33 36.12 -30.67 -8.36
CA ALA B 33 34.94 -31.18 -7.69
C ALA B 33 35.17 -31.23 -6.17
N PRO B 34 34.23 -30.68 -5.38
CA PRO B 34 32.99 -30.01 -5.77
C PRO B 34 33.23 -28.69 -6.48
N VAL B 35 32.23 -28.21 -7.23
CA VAL B 35 32.36 -26.95 -7.96
C VAL B 35 31.81 -25.77 -7.18
N ASN B 36 31.28 -26.00 -5.98
CA ASN B 36 30.80 -24.92 -5.12
C ASN B 36 31.24 -25.20 -3.69
N ILE B 37 31.90 -24.22 -3.08
CA ILE B 37 32.29 -24.28 -1.68
C ILE B 37 32.14 -22.87 -1.11
N GLU B 38 32.25 -22.77 0.21
CA GLU B 38 32.09 -21.50 0.90
C GLU B 38 33.46 -20.91 1.23
N ALA B 39 33.56 -19.58 1.15
CA ALA B 39 34.81 -18.87 1.42
C ALA B 39 34.97 -18.63 2.93
N ASN B 40 34.89 -19.72 3.69
CA ASN B 40 35.03 -19.67 5.14
C ASN B 40 36.44 -19.99 5.59
N SER B 41 37.41 -20.02 4.69
CA SER B 41 38.82 -20.25 4.94
C SER B 41 39.11 -21.74 5.20
N SER B 42 38.09 -22.58 5.34
CA SER B 42 38.28 -23.99 5.69
C SER B 42 37.87 -24.95 4.59
N ASP B 43 36.80 -24.64 3.86
CA ASP B 43 36.33 -25.54 2.83
C ASP B 43 37.39 -25.72 1.74
N THR B 44 37.38 -26.89 1.11
CA THR B 44 38.35 -27.23 0.08
C THR B 44 37.66 -28.03 -1.02
N SER B 45 38.36 -28.19 -2.14
CA SER B 45 37.85 -28.96 -3.28
C SER B 45 39.02 -29.70 -3.92
N VAL B 46 38.70 -30.44 -4.98
CA VAL B 46 39.67 -31.30 -5.66
C VAL B 46 39.67 -30.97 -7.15
N VAL B 47 40.85 -30.93 -7.74
CA VAL B 47 41.03 -30.75 -9.17
C VAL B 47 41.53 -32.06 -9.76
N THR B 48 41.23 -32.28 -11.04
CA THR B 48 41.70 -33.45 -11.75
C THR B 48 42.03 -33.07 -13.17
N LEU B 49 43.06 -33.72 -13.73
CA LEU B 49 43.60 -33.37 -15.05
C LEU B 49 43.90 -34.65 -15.81
N THR B 50 42.86 -35.27 -16.39
CA THR B 50 43.08 -36.35 -17.34
C THR B 50 43.86 -35.78 -18.52
N LEU B 51 45.14 -36.13 -18.62
CA LEU B 51 46.00 -35.57 -19.65
C LEU B 51 45.97 -36.49 -20.87
N ARG B 52 45.46 -35.98 -21.98
CA ARG B 52 45.15 -36.80 -23.14
C ARG B 52 45.62 -36.10 -24.41
N ASP B 53 46.30 -36.84 -25.28
CA ASP B 53 46.85 -36.28 -26.51
C ASP B 53 45.74 -36.20 -27.57
N ASN B 54 46.12 -35.94 -28.82
CA ASN B 54 45.15 -35.81 -29.90
C ASN B 54 44.26 -37.06 -29.99
N ASN B 55 44.83 -38.23 -29.73
CA ASN B 55 44.09 -39.48 -29.81
C ASN B 55 43.42 -39.85 -28.49
N ASN B 56 43.37 -38.92 -27.54
CA ASN B 56 42.72 -39.15 -26.24
C ASN B 56 43.48 -40.20 -25.42
N ASN B 57 44.81 -40.26 -25.56
CA ASN B 57 45.61 -41.25 -24.83
C ASN B 57 46.16 -40.63 -23.57
N PRO B 58 46.06 -41.28 -22.41
CA PRO B 58 46.66 -40.74 -21.19
C PRO B 58 48.12 -40.36 -21.41
N VAL B 59 48.53 -39.25 -20.82
CA VAL B 59 49.90 -38.76 -20.91
C VAL B 59 50.55 -38.90 -19.54
N THR B 60 51.71 -39.55 -19.50
CA THR B 60 52.34 -39.98 -18.26
C THR B 60 53.53 -39.10 -17.91
N GLY B 61 53.98 -39.25 -16.67
CA GLY B 61 55.16 -38.58 -16.16
C GLY B 61 55.31 -37.13 -16.58
N GLN B 62 54.41 -36.27 -16.11
CA GLN B 62 54.48 -34.85 -16.42
C GLN B 62 54.58 -34.05 -15.14
N THR B 63 55.15 -32.86 -15.26
CA THR B 63 55.23 -31.89 -14.17
C THR B 63 54.15 -30.83 -14.43
N VAL B 64 53.12 -30.83 -13.59
CA VAL B 64 51.91 -30.04 -13.81
C VAL B 64 51.83 -28.95 -12.76
N VAL B 65 51.65 -27.71 -13.20
CA VAL B 65 51.52 -26.56 -12.32
C VAL B 65 50.14 -25.96 -12.51
N PHE B 66 49.56 -25.46 -11.43
CA PHE B 66 48.22 -24.90 -11.43
C PHE B 66 48.25 -23.47 -10.89
N THR B 67 47.12 -22.79 -11.03
CA THR B 67 46.96 -21.43 -10.53
C THR B 67 45.49 -21.20 -10.23
N SER B 68 45.21 -20.48 -9.14
CA SER B 68 43.85 -20.15 -8.75
C SER B 68 43.81 -18.72 -8.26
N THR B 69 42.81 -17.96 -8.70
CA THR B 69 42.71 -16.55 -8.30
C THR B 69 42.35 -16.44 -6.82
N LEU B 70 41.43 -17.28 -6.34
CA LEU B 70 41.03 -17.29 -4.95
C LEU B 70 41.41 -18.62 -4.32
N GLY B 71 41.89 -18.56 -3.08
CA GLY B 71 42.31 -19.75 -2.36
C GLY B 71 43.76 -20.11 -2.64
N THR B 72 44.29 -20.94 -1.75
CA THR B 72 45.66 -21.44 -1.86
C THR B 72 45.64 -22.90 -2.29
N LEU B 73 46.59 -23.26 -3.14
CA LEU B 73 46.65 -24.60 -3.70
C LEU B 73 47.65 -25.47 -2.96
N GLY B 74 47.51 -26.78 -3.13
CA GLY B 74 48.40 -27.74 -2.53
C GLY B 74 49.38 -28.31 -3.52
N ASN B 75 49.54 -29.64 -3.52
CA ASN B 75 50.49 -30.32 -4.38
C ASN B 75 49.74 -31.10 -5.46
N VAL B 76 50.48 -31.47 -6.51
CA VAL B 76 49.95 -32.21 -7.64
C VAL B 76 50.55 -33.61 -7.61
N THR B 77 49.71 -34.60 -7.89
CA THR B 77 50.12 -36.01 -7.84
C THR B 77 49.69 -36.72 -9.11
N GLU B 78 50.55 -37.61 -9.59
CA GLU B 78 50.29 -38.36 -10.82
C GLU B 78 49.65 -39.70 -10.46
N GLN B 79 48.38 -39.86 -10.82
CA GLN B 79 47.64 -41.08 -10.53
C GLN B 79 48.06 -42.25 -11.39
N ALA B 80 49.04 -42.07 -12.29
CA ALA B 80 49.52 -43.10 -13.18
C ALA B 80 48.48 -43.53 -14.21
N SER B 81 47.36 -42.81 -14.31
CA SER B 81 46.36 -43.03 -15.35
C SER B 81 46.31 -41.85 -16.32
N GLY B 82 47.39 -41.10 -16.42
CA GLY B 82 47.38 -39.84 -17.14
C GLY B 82 46.68 -38.71 -16.41
N LEU B 83 46.42 -38.87 -15.12
CA LEU B 83 45.67 -37.92 -14.34
C LEU B 83 46.58 -37.20 -13.36
N TYR B 84 46.22 -35.96 -13.04
CA TYR B 84 46.99 -35.13 -12.11
C TYR B 84 46.00 -34.31 -11.30
N THR B 85 46.10 -34.41 -9.97
CA THR B 85 45.10 -33.88 -9.05
C THR B 85 45.74 -32.93 -8.05
N ALA B 86 45.01 -31.87 -7.70
CA ALA B 86 45.44 -30.92 -6.69
C ALA B 86 44.23 -30.53 -5.85
N THR B 87 44.48 -29.76 -4.79
CA THR B 87 43.44 -29.36 -3.85
C THR B 87 43.53 -27.87 -3.59
N LEU B 88 42.42 -27.17 -3.78
CA LEU B 88 42.31 -25.76 -3.45
C LEU B 88 41.55 -25.60 -2.14
N THR B 89 41.97 -24.61 -1.35
CA THR B 89 41.33 -24.32 -0.07
C THR B 89 40.72 -22.93 -0.13
N ALA B 90 39.41 -22.87 0.01
CA ALA B 90 38.74 -21.58 0.00
C ALA B 90 39.34 -20.65 1.05
N GLY B 91 39.50 -19.40 0.68
CA GLY B 91 39.97 -18.37 1.59
C GLY B 91 38.81 -17.66 2.26
N THR B 92 39.04 -16.39 2.59
CA THR B 92 38.00 -15.53 3.13
C THR B 92 37.27 -14.73 2.06
N VAL B 93 37.77 -14.72 0.83
CA VAL B 93 37.18 -13.96 -0.26
C VAL B 93 36.27 -14.88 -1.04
N SER B 94 35.00 -14.51 -1.15
CA SER B 94 34.03 -15.26 -1.94
C SER B 94 34.25 -14.93 -3.42
N GLY B 95 33.35 -15.41 -4.26
CA GLY B 95 33.42 -15.15 -5.68
C GLY B 95 33.89 -16.38 -6.45
N VAL B 96 34.27 -16.11 -7.70
CA VAL B 96 34.67 -17.16 -8.63
C VAL B 96 36.20 -17.25 -8.64
N ALA B 97 36.71 -18.46 -8.49
CA ALA B 97 38.14 -18.72 -8.58
C ALA B 97 38.45 -19.28 -9.96
N SER B 98 39.32 -18.59 -10.70
CA SER B 98 39.70 -19.01 -12.04
C SER B 98 40.91 -19.93 -11.97
N LEU B 99 40.84 -21.05 -12.67
CA LEU B 99 41.88 -22.08 -12.62
C LEU B 99 42.63 -22.12 -13.94
N SER B 100 43.94 -21.92 -13.88
CA SER B 100 44.82 -22.06 -15.02
C SER B 100 45.76 -23.23 -14.81
N VAL B 101 46.39 -23.67 -15.89
CA VAL B 101 47.22 -24.87 -15.87
C VAL B 101 48.47 -24.62 -16.71
N SER B 102 49.60 -25.18 -16.24
CA SER B 102 50.86 -25.08 -16.95
C SER B 102 51.55 -26.44 -16.90
N VAL B 103 51.99 -26.92 -18.06
CA VAL B 103 52.61 -28.23 -18.18
C VAL B 103 53.96 -28.06 -18.86
N GLY B 104 55.00 -28.62 -18.25
CA GLY B 104 56.33 -28.51 -18.81
C GLY B 104 56.79 -27.11 -19.09
N GLY B 105 56.24 -26.12 -18.38
CA GLY B 105 56.64 -24.74 -18.59
C GLY B 105 55.64 -23.95 -19.39
N ASN B 106 55.05 -24.57 -20.41
CA ASN B 106 54.07 -23.91 -21.25
C ASN B 106 52.68 -24.06 -20.68
N ALA B 107 51.82 -23.09 -20.98
CA ALA B 107 50.44 -23.10 -20.54
C ALA B 107 49.59 -23.88 -21.52
N LEU B 108 48.78 -24.80 -21.02
CA LEU B 108 47.89 -25.60 -21.85
C LEU B 108 46.58 -24.86 -22.06
N GLY B 109 46.01 -25.01 -23.25
CA GLY B 109 44.80 -24.31 -23.61
C GLY B 109 43.55 -24.91 -22.99
N VAL B 110 43.37 -24.69 -21.68
CA VAL B 110 42.18 -25.16 -20.99
C VAL B 110 42.18 -24.58 -19.58
N THR B 111 41.02 -24.14 -19.11
CA THR B 111 40.88 -23.54 -17.79
C THR B 111 39.54 -23.94 -17.19
N GLY B 112 39.52 -24.11 -15.88
CA GLY B 112 38.30 -24.38 -15.15
C GLY B 112 37.99 -23.27 -14.17
N ASN B 113 37.17 -23.55 -13.16
CA ASN B 113 36.86 -22.56 -12.14
C ASN B 113 36.08 -23.26 -11.03
N ILE B 114 35.72 -22.48 -10.01
CA ILE B 114 34.94 -22.97 -8.89
C ILE B 114 34.31 -21.76 -8.22
N THR B 115 33.21 -21.98 -7.51
CA THR B 115 32.45 -20.91 -6.88
C THR B 115 32.71 -20.93 -5.38
N LEU B 116 33.19 -19.82 -4.84
CA LEU B 116 33.38 -19.64 -3.41
C LEU B 116 32.17 -18.88 -2.87
N ALA B 117 31.21 -19.62 -2.31
CA ALA B 117 30.00 -19.00 -1.82
C ALA B 117 30.30 -18.16 -0.58
N PRO B 118 29.54 -17.09 -0.34
CA PRO B 118 29.75 -16.32 0.89
C PRO B 118 29.53 -17.12 2.15
N GLY B 119 28.56 -18.02 2.14
CA GLY B 119 28.26 -18.84 3.30
C GLY B 119 27.04 -18.35 4.05
N ALA B 120 26.78 -19.03 5.16
CA ALA B 120 25.61 -18.72 5.98
C ALA B 120 25.52 -17.22 6.24
N LEU B 121 24.32 -16.68 6.07
CA LEU B 121 24.09 -15.26 6.32
C LEU B 121 24.30 -14.95 7.79
N ASP B 122 25.12 -13.93 8.07
CA ASP B 122 25.30 -13.40 9.41
C ASP B 122 24.47 -12.14 9.54
N ALA B 123 23.35 -12.24 10.25
CA ALA B 123 22.43 -11.11 10.37
C ALA B 123 23.14 -9.87 10.91
N ALA B 124 24.07 -10.07 11.85
CA ALA B 124 24.77 -8.95 12.46
C ALA B 124 25.70 -8.23 11.49
N ARG B 125 26.01 -8.86 10.35
CA ARG B 125 26.96 -8.28 9.40
C ARG B 125 26.30 -7.53 8.26
N SER B 126 25.01 -7.73 8.02
CA SER B 126 24.32 -7.07 6.92
C SER B 126 23.82 -5.69 7.35
N ILE B 127 23.41 -4.89 6.36
CA ILE B 127 23.00 -3.52 6.57
C ILE B 127 21.66 -3.28 5.90
N LEU B 128 21.18 -2.04 5.99
CA LEU B 128 19.90 -1.62 5.42
C LEU B 128 19.82 -0.10 5.40
N ALA B 129 19.38 0.47 4.28
CA ALA B 129 19.43 1.92 4.12
C ALA B 129 18.27 2.39 3.24
N VAL B 130 17.94 3.67 3.41
CA VAL B 130 16.89 4.33 2.64
C VAL B 130 17.41 5.69 2.21
N ASN B 131 16.95 6.14 1.04
CA ASN B 131 17.45 7.40 0.48
C ASN B 131 16.71 8.60 1.05
N LYS B 132 15.37 8.57 1.04
CA LYS B 132 14.57 9.69 1.52
C LYS B 132 14.22 9.49 2.99
N PRO B 133 14.44 10.48 3.87
CA PRO B 133 14.03 10.29 5.26
C PRO B 133 12.53 10.38 5.46
N SER B 134 11.82 11.10 4.60
CA SER B 134 10.38 11.28 4.74
C SER B 134 9.76 11.40 3.36
N ILE B 135 8.46 11.10 3.30
CA ILE B 135 7.69 11.20 2.05
C ILE B 135 6.26 11.55 2.40
N ASN B 136 5.73 12.60 1.78
CA ASN B 136 4.37 13.01 2.04
C ASN B 136 3.40 11.90 1.66
N ALA B 137 2.25 11.88 2.33
CA ALA B 137 1.26 10.83 2.11
C ALA B 137 0.72 10.82 0.68
N ASP B 138 0.99 11.86 -0.11
CA ASP B 138 0.51 11.93 -1.48
C ASP B 138 1.49 11.34 -2.49
N ASP B 139 2.64 10.84 -2.04
CA ASP B 139 3.67 10.31 -2.92
C ASP B 139 3.45 8.81 -3.14
N ARG B 140 3.12 8.44 -4.38
CA ARG B 140 2.92 7.04 -4.74
C ARG B 140 4.21 6.33 -5.11
N ILE B 141 5.17 7.04 -5.69
CA ILE B 141 6.46 6.45 -6.01
C ILE B 141 7.12 6.02 -4.72
N GLY B 142 7.48 6.98 -3.88
CA GLY B 142 8.05 6.70 -2.58
C GLY B 142 9.56 6.61 -2.60
N SER B 143 10.11 6.24 -1.44
CA SER B 143 11.54 6.12 -1.27
C SER B 143 12.00 4.77 -1.80
N THR B 144 13.28 4.44 -1.59
CA THR B 144 13.86 3.19 -2.06
C THR B 144 14.56 2.51 -0.88
N ILE B 145 14.30 1.21 -0.73
CA ILE B 145 14.96 0.40 0.30
C ILE B 145 16.04 -0.44 -0.37
N THR B 146 17.24 -0.39 0.18
CA THR B 146 18.36 -1.19 -0.30
C THR B 146 18.83 -2.10 0.82
N PHE B 147 18.69 -3.40 0.63
CA PHE B 147 19.13 -4.40 1.59
C PHE B 147 20.38 -5.08 1.04
N THR B 148 21.48 -4.94 1.77
CA THR B 148 22.76 -5.53 1.39
C THR B 148 23.05 -6.70 2.33
N ALA B 149 23.14 -7.90 1.77
CA ALA B 149 23.42 -9.10 2.54
C ALA B 149 24.92 -9.38 2.53
N GLN B 150 25.47 -9.68 3.70
CA GLN B 150 26.89 -9.97 3.83
C GLN B 150 27.10 -11.13 4.77
N ASP B 151 27.86 -12.13 4.33
CA ASP B 151 28.12 -13.32 5.13
C ASP B 151 28.88 -12.95 6.40
N ALA B 152 29.25 -13.95 7.19
CA ALA B 152 30.01 -13.70 8.41
C ALA B 152 31.32 -13.00 8.11
N GLN B 153 31.91 -13.26 6.94
CA GLN B 153 33.20 -12.68 6.58
C GLN B 153 33.08 -11.32 5.91
N GLY B 154 31.88 -10.93 5.46
CA GLY B 154 31.67 -9.69 4.75
C GLY B 154 31.46 -9.85 3.26
N ASN B 155 31.39 -11.08 2.76
CA ASN B 155 31.15 -11.32 1.35
C ASN B 155 29.70 -11.08 0.99
N ALA B 156 29.47 -10.37 -0.11
CA ALA B 156 28.12 -10.10 -0.57
C ALA B 156 27.41 -11.41 -0.91
N ILE B 157 26.12 -11.47 -0.57
CA ILE B 157 25.29 -12.65 -0.80
C ILE B 157 24.28 -12.32 -1.87
N THR B 158 24.07 -13.26 -2.79
CA THR B 158 23.22 -13.06 -3.95
C THR B 158 22.20 -14.18 -4.06
N GLY B 159 21.05 -13.86 -4.66
CA GLY B 159 20.07 -14.87 -4.99
C GLY B 159 19.27 -15.37 -3.81
N LEU B 160 19.11 -14.56 -2.78
CA LEU B 160 18.31 -14.93 -1.62
C LEU B 160 16.84 -14.60 -1.88
N ASP B 161 15.96 -15.41 -1.29
CA ASP B 161 14.52 -15.18 -1.39
C ASP B 161 14.15 -14.13 -0.37
N ILE B 162 14.27 -12.86 -0.77
CA ILE B 162 14.09 -11.74 0.13
C ILE B 162 12.72 -11.11 -0.09
N ALA B 163 12.17 -10.53 0.97
CA ALA B 163 10.90 -9.85 0.90
C ALA B 163 10.80 -8.91 2.10
N PHE B 164 10.27 -7.71 1.86
CA PHE B 164 10.12 -6.71 2.90
C PHE B 164 8.69 -6.66 3.40
N MET B 165 8.53 -6.37 4.69
CA MET B 165 7.22 -6.25 5.32
C MET B 165 7.18 -4.97 6.14
N THR B 166 6.13 -4.19 5.95
CA THR B 166 5.90 -2.97 6.71
C THR B 166 4.72 -3.18 7.66
N ASP B 167 4.86 -2.68 8.88
CA ASP B 167 3.79 -2.78 9.86
C ASP B 167 2.81 -1.62 9.77
N LEU B 168 3.27 -0.44 9.38
CA LEU B 168 2.39 0.70 9.24
C LEU B 168 1.29 0.40 8.22
N GLU B 169 0.12 0.97 8.47
CA GLU B 169 -1.02 0.72 7.60
C GLU B 169 -0.94 1.56 6.34
N ASN B 170 -1.53 1.03 5.26
CA ASN B 170 -1.63 1.68 3.96
C ASN B 170 -0.28 1.85 3.28
N SER B 171 0.80 1.27 3.83
CA SER B 171 2.09 1.25 3.17
C SER B 171 2.34 -0.13 2.60
N GLN B 172 2.94 -0.17 1.41
CA GLN B 172 3.13 -1.43 0.67
C GLN B 172 4.51 -1.43 0.03
N ILE B 173 5.08 -2.63 -0.09
CA ILE B 173 6.38 -2.82 -0.72
C ILE B 173 6.18 -2.97 -2.23
N MET B 174 7.05 -2.33 -2.99
CA MET B 174 6.88 -2.22 -4.43
C MET B 174 7.67 -3.34 -5.12
N THR B 175 8.00 -3.16 -6.39
CA THR B 175 8.71 -4.19 -7.13
C THR B 175 10.08 -4.44 -6.50
N LEU B 176 10.36 -5.71 -6.21
CA LEU B 176 11.62 -6.10 -5.58
C LEU B 176 12.55 -6.69 -6.62
N VAL B 177 13.82 -6.28 -6.56
CA VAL B 177 14.80 -6.58 -7.60
C VAL B 177 16.14 -6.89 -6.95
N ASP B 178 16.70 -8.05 -7.26
CA ASP B 178 18.09 -8.37 -6.92
C ASP B 178 18.97 -8.01 -8.10
N HIS B 179 20.01 -7.21 -7.84
CA HIS B 179 20.90 -6.74 -8.89
C HIS B 179 22.16 -7.57 -9.02
N ASN B 180 22.24 -8.71 -8.33
CA ASN B 180 23.35 -9.64 -8.41
C ASN B 180 24.63 -9.08 -7.79
N ASP B 181 24.61 -7.84 -7.32
CA ASP B 181 25.76 -7.26 -6.64
C ASP B 181 25.72 -7.47 -5.12
N GLY B 182 24.65 -8.08 -4.61
CA GLY B 182 24.47 -8.25 -3.18
C GLY B 182 23.41 -7.36 -2.58
N THR B 183 22.76 -6.52 -3.38
CA THR B 183 21.72 -5.62 -2.90
C THR B 183 20.37 -6.01 -3.48
N TYR B 184 19.31 -5.59 -2.78
CA TYR B 184 17.94 -5.84 -3.19
C TYR B 184 17.16 -4.54 -3.04
N THR B 185 16.41 -4.17 -4.08
CA THR B 185 15.81 -2.84 -4.17
C THR B 185 14.30 -2.94 -4.34
N ALA B 186 13.58 -2.06 -3.64
CA ALA B 186 12.13 -1.97 -3.75
C ALA B 186 11.68 -0.67 -3.12
N ASN B 187 10.71 0.00 -3.75
CA ASN B 187 10.18 1.24 -3.23
C ASN B 187 9.11 0.97 -2.17
N ILE B 188 8.55 2.06 -1.63
CA ILE B 188 7.49 1.96 -0.64
C ILE B 188 6.75 3.29 -0.57
N ASN B 189 5.42 3.23 -0.61
CA ASN B 189 4.57 4.41 -0.49
C ASN B 189 3.59 4.20 0.67
N GLY B 190 2.74 5.18 0.90
CA GLY B 190 1.77 5.10 1.97
C GLY B 190 0.77 6.23 1.97
N THR B 191 -0.52 5.89 2.02
CA THR B 191 -1.59 6.89 2.04
C THR B 191 -1.95 7.34 3.44
N GLN B 192 -1.09 7.09 4.43
CA GLN B 192 -1.38 7.44 5.82
C GLN B 192 -0.11 7.94 6.50
N THR B 193 -0.25 9.01 7.26
CA THR B 193 0.86 9.55 8.03
C THR B 193 1.22 8.61 9.17
N GLY B 194 2.51 8.55 9.47
CA GLY B 194 3.01 7.69 10.53
C GLY B 194 4.43 7.28 10.24
N ILE B 195 4.94 6.38 11.07
CA ILE B 195 6.30 5.87 10.95
C ILE B 195 6.22 4.38 10.62
N ALA B 196 6.83 3.98 9.52
CA ALA B 196 6.78 2.61 9.03
C ALA B 196 8.05 1.86 9.40
N ASN B 197 7.89 0.77 10.16
CA ASN B 197 9.01 -0.06 10.57
C ASN B 197 9.21 -1.20 9.58
N ILE B 198 10.41 -1.32 9.06
CA ILE B 198 10.71 -2.25 7.99
C ILE B 198 11.21 -3.57 8.57
N ALA B 199 10.77 -4.67 7.97
CA ALA B 199 11.20 -6.00 8.34
C ALA B 199 11.66 -6.75 7.10
N VAL B 200 12.67 -7.60 7.28
CA VAL B 200 13.25 -8.38 6.19
C VAL B 200 12.95 -9.85 6.43
N GLN B 201 12.65 -10.57 5.36
CA GLN B 201 12.31 -11.99 5.42
C GLN B 201 13.20 -12.77 4.46
N SER B 202 14.23 -13.41 4.98
CA SER B 202 14.95 -14.42 4.20
C SER B 202 14.05 -15.63 4.05
N SER B 203 13.77 -16.02 2.81
CA SER B 203 12.76 -17.03 2.51
C SER B 203 11.47 -16.51 3.13
N GLY B 204 10.83 -17.22 4.05
CA GLY B 204 9.71 -16.70 4.81
C GLY B 204 10.06 -16.36 6.25
N ALA B 205 11.32 -16.43 6.64
CA ALA B 205 11.75 -16.27 8.02
C ALA B 205 12.20 -14.84 8.27
N THR B 206 11.76 -14.27 9.39
CA THR B 206 12.11 -12.91 9.76
C THR B 206 13.51 -12.89 10.38
N ILE B 207 14.39 -12.07 9.83
CA ILE B 207 15.76 -11.96 10.33
C ILE B 207 15.75 -11.08 11.58
N ALA B 208 16.36 -11.56 12.65
CA ALA B 208 16.28 -10.91 13.96
C ALA B 208 17.45 -10.00 14.27
N GLY B 209 18.63 -10.25 13.70
CA GLY B 209 19.82 -9.51 14.09
C GLY B 209 20.12 -8.31 13.23
N LEU B 210 19.07 -7.65 12.73
CA LEU B 210 19.25 -6.52 11.83
C LEU B 210 19.08 -5.20 12.57
N ALA B 211 19.56 -4.13 11.94
CA ALA B 211 19.53 -2.81 12.53
C ALA B 211 18.14 -2.19 12.42
N ALA B 212 17.72 -1.49 13.47
CA ALA B 212 16.43 -0.84 13.47
C ALA B 212 16.41 0.29 12.44
N THR B 213 15.38 0.30 11.60
CA THR B 213 15.25 1.31 10.56
C THR B 213 13.77 1.49 10.23
N MET B 214 13.36 2.75 10.08
CA MET B 214 11.96 3.09 9.82
C MET B 214 11.91 4.17 8.75
N VAL B 215 10.71 4.68 8.49
CA VAL B 215 10.49 5.78 7.57
C VAL B 215 9.31 6.59 8.08
N THR B 216 9.31 7.89 7.79
CA THR B 216 8.26 8.79 8.24
C THR B 216 7.40 9.23 7.06
N ILE B 217 6.09 9.22 7.27
CA ILE B 217 5.12 9.72 6.28
C ILE B 217 4.47 10.96 6.84
N THR B 218 4.49 12.04 6.07
CA THR B 218 3.89 13.30 6.45
C THR B 218 2.61 13.52 5.66
N PRO B 219 1.68 14.36 6.17
CA PRO B 219 0.44 14.60 5.43
C PRO B 219 0.68 15.04 4.00
N GLY B 220 -0.40 15.05 3.19
CA GLY B 220 -0.33 15.50 1.83
C GLY B 220 -0.92 16.87 1.63
N ALA B 221 -1.31 17.15 0.39
CA ALA B 221 -1.89 18.43 0.06
C ALA B 221 -3.26 18.57 0.71
N TRP B 222 -3.61 19.81 1.06
CA TRP B 222 -4.89 20.07 1.72
C TRP B 222 -6.03 19.63 0.84
N ASN B 223 -6.98 18.91 1.43
CA ASN B 223 -8.21 18.58 0.74
C ASN B 223 -9.05 19.83 0.56
N THR B 224 -8.89 20.49 -0.60
CA THR B 224 -9.59 21.74 -0.85
C THR B 224 -11.07 21.64 -0.54
N THR B 225 -11.65 20.44 -0.70
CA THR B 225 -13.07 20.22 -0.47
C THR B 225 -13.38 19.86 0.96
N GLN B 226 -12.57 20.31 1.92
CA GLN B 226 -12.84 20.07 3.33
C GLN B 226 -14.10 20.81 3.73
N ALA B 227 -15.23 20.09 3.82
CA ALA B 227 -16.48 20.69 4.27
C ALA B 227 -16.44 21.03 5.76
N THR B 228 -15.62 20.35 6.54
CA THR B 228 -15.53 20.64 7.96
C THR B 228 -15.22 22.12 8.15
N PRO B 229 -15.85 22.79 9.11
CA PRO B 229 -15.49 24.18 9.39
C PRO B 229 -14.06 24.26 9.88
N VAL B 230 -13.22 24.97 9.13
CA VAL B 230 -11.79 25.08 9.43
C VAL B 230 -11.60 26.00 10.63
N MET B 231 -12.69 26.56 11.15
CA MET B 231 -12.60 27.53 12.23
C MET B 231 -13.99 27.78 12.78
N THR B 232 -14.05 28.04 14.08
CA THR B 232 -15.29 28.41 14.75
C THR B 232 -15.03 29.66 15.57
N VAL B 233 -15.89 30.66 15.41
CA VAL B 233 -15.79 31.93 16.12
C VAL B 233 -17.00 32.07 17.03
N ALA B 234 -16.77 32.63 18.22
CA ALA B 234 -17.82 32.76 19.21
C ALA B 234 -17.58 34.01 20.05
N LEU B 235 -18.53 34.30 20.92
CA LEU B 235 -18.44 35.44 21.81
C LEU B 235 -17.53 35.12 23.00
N PRO B 236 -16.91 36.13 23.60
CA PRO B 236 -15.98 35.88 24.72
C PRO B 236 -16.72 35.64 26.02
N ILE B 237 -16.66 34.41 26.53
CA ILE B 237 -17.17 34.14 27.86
C ILE B 237 -16.26 34.75 28.91
N THR B 238 -15.01 34.29 28.96
CA THR B 238 -14.03 34.90 29.84
C THR B 238 -13.86 36.37 29.49
N THR B 239 -13.48 37.16 30.49
CA THR B 239 -13.30 38.60 30.29
C THR B 239 -12.59 39.17 31.50
N CYS B 240 -11.96 40.32 31.31
CA CYS B 240 -11.39 41.08 32.42
C CYS B 240 -10.30 40.28 33.12
N GLN B 241 -9.11 40.23 32.51
CA GLN B 241 -7.94 39.61 33.10
C GLN B 241 -6.83 40.63 33.13
N SER B 242 -6.28 40.88 34.32
CA SER B 242 -5.30 41.95 34.50
C SER B 242 -4.06 41.71 33.64
N SER B 243 -3.93 42.48 32.56
CA SER B 243 -2.73 42.40 31.73
C SER B 243 -1.58 43.17 32.35
N SER B 244 -1.75 44.48 32.52
CA SER B 244 -0.79 45.32 33.23
C SER B 244 -1.27 45.64 34.63
N GLY B 245 -1.85 44.65 35.33
CA GLY B 245 -2.50 44.89 36.59
C GLY B 245 -3.87 45.54 36.47
N VAL B 246 -4.33 45.82 35.25
CA VAL B 246 -5.61 46.47 35.01
C VAL B 246 -6.51 45.49 34.27
N TYR B 247 -7.75 45.37 34.72
CA TYR B 247 -8.68 44.43 34.11
C TYR B 247 -9.12 44.95 32.74
N LYS B 248 -9.03 44.08 31.73
CA LYS B 248 -9.36 44.44 30.36
C LYS B 248 -10.38 43.46 29.83
N ARG B 249 -11.51 43.98 29.34
CA ARG B 249 -12.53 43.12 28.75
C ARG B 249 -11.96 42.38 27.54
N TYR B 250 -12.47 41.18 27.32
CA TYR B 250 -12.12 40.40 26.14
C TYR B 250 -13.08 40.71 25.01
N TYR B 251 -12.54 40.80 23.80
CA TYR B 251 -13.33 41.18 22.63
C TYR B 251 -14.00 39.98 21.98
N ILE B 252 -13.21 38.99 21.56
CA ILE B 252 -13.76 37.81 20.88
C ILE B 252 -12.87 36.60 21.14
N GLY B 253 -13.25 35.46 20.57
CA GLY B 253 -12.47 34.24 20.68
C GLY B 253 -12.50 33.44 19.38
N ILE B 254 -11.38 32.83 19.02
CA ILE B 254 -11.22 32.13 17.75
C ILE B 254 -10.80 30.70 18.02
N VAL B 255 -11.41 29.77 17.31
CA VAL B 255 -11.08 28.36 17.38
C VAL B 255 -10.69 27.89 15.98
N THR B 256 -9.50 27.30 15.87
CA THR B 256 -9.06 26.69 14.62
C THR B 256 -9.21 25.18 14.71
N HIS B 257 -9.66 24.57 13.62
CA HIS B 257 -9.97 23.15 13.57
C HIS B 257 -8.97 22.43 12.69
N GLU B 258 -9.21 21.13 12.54
CA GLU B 258 -8.25 20.26 11.84
C GLU B 258 -8.27 20.51 10.35
N LEU B 259 -7.10 20.63 9.76
CA LEU B 259 -6.94 20.64 8.31
C LEU B 259 -6.55 19.24 7.86
N TYR B 260 -7.19 18.74 6.81
CA TYR B 260 -7.05 17.37 6.38
C TYR B 260 -6.52 17.31 4.96
N ASP B 261 -5.65 16.33 4.70
CA ASP B 261 -5.27 16.00 3.33
C ASP B 261 -6.33 15.08 2.72
N ASN B 262 -6.17 14.79 1.43
CA ASN B 262 -7.18 14.01 0.73
C ASN B 262 -7.25 12.55 1.17
N TYR B 263 -6.61 12.16 2.27
CA TYR B 263 -6.68 10.79 2.78
C TYR B 263 -7.21 10.72 4.20
N GLY B 264 -7.46 11.85 4.84
CA GLY B 264 -7.93 11.86 6.22
C GLY B 264 -6.87 12.20 7.25
N ASN B 265 -5.63 12.38 6.82
CA ASN B 265 -4.56 12.77 7.74
C ASN B 265 -4.65 14.26 8.04
N GLU B 266 -4.56 14.61 9.31
CA GLU B 266 -4.54 16.02 9.66
C GLU B 266 -3.26 16.68 9.14
N ILE B 267 -3.42 17.85 8.56
CA ILE B 267 -2.30 18.70 8.19
C ILE B 267 -2.13 19.74 9.28
N SER B 268 -0.94 19.81 9.85
CA SER B 268 -0.60 20.88 10.79
C SER B 268 -0.24 22.15 10.01
N GLY B 269 -1.22 22.64 9.26
CA GLY B 269 -1.07 23.82 8.44
C GLY B 269 -1.36 25.09 9.20
N ILE B 270 -1.52 26.17 8.44
CA ILE B 270 -1.74 27.50 9.00
C ILE B 270 -2.82 28.20 8.17
N LEU B 271 -3.79 28.80 8.87
CA LEU B 271 -4.82 29.58 8.21
C LEU B 271 -4.41 31.04 8.13
N THR B 272 -4.96 31.74 7.14
CA THR B 272 -4.74 33.17 6.97
C THR B 272 -6.10 33.83 6.79
N TYR B 273 -6.40 34.82 7.64
CA TYR B 273 -7.72 35.42 7.67
C TYR B 273 -7.59 36.92 7.93
N ASN B 274 -8.74 37.60 7.96
CA ASN B 274 -8.80 39.03 8.15
C ASN B 274 -9.91 39.36 9.13
N LEU B 275 -9.81 40.54 9.75
CA LEU B 275 -10.75 40.98 10.78
C LEU B 275 -11.23 42.38 10.44
N GLY B 276 -12.55 42.56 10.38
CA GLY B 276 -13.14 43.85 10.12
C GLY B 276 -13.37 44.64 11.39
N ALA B 277 -13.91 45.85 11.21
CA ALA B 277 -14.23 46.70 12.34
C ALA B 277 -15.32 46.05 13.20
N GLY B 278 -15.32 46.40 14.48
CA GLY B 278 -16.22 45.81 15.45
C GLY B 278 -17.24 46.80 15.97
N ARG B 279 -18.43 46.30 16.27
CA ARG B 279 -19.49 47.07 16.91
C ARG B 279 -20.00 46.19 18.06
N TYR B 280 -19.46 46.39 19.26
CA TYR B 280 -19.80 45.56 20.39
C TYR B 280 -20.76 46.29 21.33
N THR B 281 -21.70 45.54 21.89
CA THR B 281 -22.64 46.06 22.88
C THR B 281 -22.37 45.38 24.22
N THR B 282 -22.61 46.11 25.30
CA THR B 282 -22.40 45.62 26.65
C THR B 282 -23.75 45.40 27.33
N VAL B 283 -23.69 44.74 28.50
CA VAL B 283 -24.89 44.53 29.30
C VAL B 283 -25.51 45.85 29.73
N THR B 284 -24.73 46.92 29.76
CA THR B 284 -25.24 48.26 30.00
C THR B 284 -25.69 48.94 28.72
N SER B 285 -25.53 48.29 27.57
CA SER B 285 -25.95 48.82 26.27
C SER B 285 -25.04 49.95 25.79
N GLN B 286 -23.75 49.87 26.13
CA GLN B 286 -22.74 50.73 25.53
C GLN B 286 -22.37 50.21 24.15
N ASN B 287 -22.28 51.12 23.19
CA ASN B 287 -21.90 50.78 21.81
C ASN B 287 -20.65 51.57 21.44
N SER B 288 -19.62 50.87 20.99
CA SER B 288 -18.36 51.50 20.65
C SER B 288 -17.78 50.85 19.40
N SER B 289 -16.87 51.58 18.76
CA SER B 289 -16.20 51.10 17.56
C SER B 289 -14.86 50.45 17.92
N VAL B 290 -14.47 49.48 17.12
CA VAL B 290 -13.22 48.73 17.32
C VAL B 290 -12.44 48.76 16.02
N SER B 291 -11.21 49.26 16.08
CA SER B 291 -10.36 49.28 14.90
C SER B 291 -10.22 47.87 14.33
N GLY B 292 -10.07 47.78 13.01
CA GLY B 292 -9.92 46.51 12.33
C GLY B 292 -8.47 46.14 12.12
N SER B 293 -8.27 45.01 11.43
CA SER B 293 -6.94 44.52 11.11
C SER B 293 -7.07 43.34 10.16
N ASN B 294 -6.15 43.27 9.19
CA ASN B 294 -6.19 42.24 8.15
C ASN B 294 -4.85 41.53 8.08
N GLY B 295 -4.84 40.44 7.32
CA GLY B 295 -3.62 39.67 7.12
C GLY B 295 -3.27 38.76 8.27
N LEU B 296 -4.26 38.33 9.05
CA LEU B 296 -4.01 37.55 10.25
C LEU B 296 -3.82 36.08 9.89
N THR B 297 -3.03 35.39 10.72
CA THR B 297 -2.75 33.97 10.53
C THR B 297 -2.89 33.24 11.85
N ARG B 298 -2.98 31.91 11.77
CA ARG B 298 -3.08 31.09 12.96
C ARG B 298 -2.85 29.63 12.57
N ARG B 299 -2.35 28.85 13.53
CA ARG B 299 -2.05 27.45 13.29
C ARG B 299 -3.31 26.62 13.42
N SER B 300 -3.54 25.74 12.44
CA SER B 300 -4.73 24.90 12.46
C SER B 300 -4.79 24.07 13.74
N ASN B 301 -6.00 23.64 14.07
CA ASN B 301 -6.26 22.80 15.24
C ASN B 301 -5.50 23.29 16.47
N SER B 302 -5.86 24.48 16.91
CA SER B 302 -5.36 25.05 18.16
C SER B 302 -6.57 25.50 18.98
N PRO B 303 -6.39 25.70 20.29
CA PRO B 303 -7.53 26.08 21.14
C PRO B 303 -7.86 27.56 21.04
N VAL B 304 -8.68 28.07 21.96
CA VAL B 304 -9.17 29.43 21.84
C VAL B 304 -8.06 30.43 22.15
N SER B 305 -8.01 31.50 21.36
CA SER B 305 -7.14 32.65 21.63
C SER B 305 -7.99 33.90 21.55
N HIS B 306 -8.09 34.61 22.68
CA HIS B 306 -9.00 35.75 22.78
C HIS B 306 -8.32 37.03 22.32
N PHE B 307 -9.14 38.08 22.19
CA PHE B 307 -8.68 39.42 21.89
C PHE B 307 -8.94 40.32 23.09
N ILE B 308 -8.05 41.29 23.29
CA ILE B 308 -8.12 42.20 24.43
C ILE B 308 -8.40 43.61 23.93
N LEU B 309 -9.31 44.29 24.61
CA LEU B 309 -9.48 45.74 24.45
C LEU B 309 -8.38 46.41 25.25
N THR B 310 -7.18 46.45 24.66
CA THR B 310 -6.00 46.93 25.37
C THR B 310 -6.20 48.33 25.94
N SER B 311 -7.11 49.12 25.37
CA SER B 311 -7.39 50.45 25.91
C SER B 311 -8.16 50.41 27.23
N ASP B 312 -8.71 49.26 27.61
CA ASP B 312 -9.41 49.15 28.88
C ASP B 312 -8.44 49.32 30.04
N ALA B 313 -8.92 49.95 31.11
CA ALA B 313 -8.07 50.25 32.25
C ALA B 313 -8.88 50.18 33.55
N TYR B 314 -9.72 49.16 33.68
CA TYR B 314 -10.48 48.98 34.91
C TYR B 314 -9.55 48.59 36.04
N THR B 315 -9.95 48.94 37.27
CA THR B 315 -9.14 48.69 38.46
C THR B 315 -9.80 47.68 39.40
N SER B 316 -10.77 46.92 38.91
CA SER B 316 -11.43 45.92 39.74
C SER B 316 -12.09 44.89 38.84
N GLN B 317 -11.97 43.62 39.23
CA GLN B 317 -12.62 42.56 38.46
C GLN B 317 -14.11 42.81 38.32
N ALA B 318 -14.75 43.33 39.37
CA ALA B 318 -16.18 43.59 39.32
C ALA B 318 -16.50 44.81 38.48
N ALA B 319 -15.61 45.81 38.45
CA ALA B 319 -15.84 47.01 37.66
C ALA B 319 -15.83 46.68 36.17
N CYS B 320 -14.73 46.11 35.69
CA CYS B 320 -14.66 45.63 34.30
C CYS B 320 -15.83 44.71 34.00
N TYR B 321 -16.20 43.86 34.96
CA TYR B 321 -17.34 42.96 34.77
C TYR B 321 -18.58 43.72 34.35
N ALA B 322 -18.81 44.90 34.95
CA ALA B 322 -20.03 45.65 34.68
C ALA B 322 -20.10 46.12 33.23
N GLU B 323 -18.96 46.33 32.59
CA GLU B 323 -18.91 46.81 31.21
C GLU B 323 -18.53 45.71 30.23
N ARG B 324 -18.46 44.46 30.69
CA ARG B 324 -18.11 43.36 29.80
C ARG B 324 -19.09 43.29 28.63
N ILE B 325 -18.60 42.80 27.50
CA ILE B 325 -19.36 42.84 26.26
C ILE B 325 -20.50 41.84 26.31
N ALA B 326 -21.61 42.19 25.67
CA ALA B 326 -22.78 41.34 25.57
C ALA B 326 -23.10 40.88 24.15
N ASN B 327 -22.81 41.71 23.15
CA ASN B 327 -23.11 41.38 21.77
C ASN B 327 -22.02 41.95 20.88
N VAL B 328 -21.67 41.22 19.83
CA VAL B 328 -20.65 41.64 18.87
C VAL B 328 -21.17 41.40 17.47
N ASN B 329 -20.93 42.37 16.59
CA ASN B 329 -21.29 42.27 15.18
C ASN B 329 -20.01 42.45 14.38
N VAL B 330 -19.42 41.34 13.95
CA VAL B 330 -18.15 41.37 13.23
C VAL B 330 -18.06 40.09 12.40
N THR B 331 -17.16 40.09 11.42
CA THR B 331 -17.04 38.98 10.48
C THR B 331 -15.57 38.67 10.25
N ILE B 332 -15.29 37.37 10.06
CA ILE B 332 -13.96 36.88 9.77
C ILE B 332 -13.97 36.27 8.37
N THR B 333 -12.81 36.31 7.71
CA THR B 333 -12.69 35.81 6.34
C THR B 333 -11.37 35.09 6.18
N VAL B 334 -11.40 33.76 6.12
CA VAL B 334 -10.21 32.98 5.80
C VAL B 334 -9.87 33.19 4.33
N THR B 335 -8.65 33.67 4.07
CA THR B 335 -8.23 34.02 2.72
C THR B 335 -7.33 32.98 2.08
N ALA B 336 -6.44 32.35 2.85
CA ALA B 336 -5.52 31.37 2.29
C ALA B 336 -5.16 30.36 3.36
N ILE B 337 -4.83 29.15 2.91
CA ILE B 337 -4.45 28.05 3.78
C ILE B 337 -3.09 27.53 3.32
N THR B 338 -2.20 27.26 4.27
CA THR B 338 -0.85 26.83 4.00
C THR B 338 -0.65 25.39 4.45
N ASP B 339 -0.06 24.58 3.57
CA ASP B 339 0.20 23.18 3.82
C ASP B 339 1.66 22.96 4.23
N ASP B 340 2.06 21.71 4.28
CA ASP B 340 3.48 21.37 4.36
C ASP B 340 4.21 21.62 3.05
N PHE B 341 3.53 22.16 2.04
CA PHE B 341 4.09 22.28 0.71
C PHE B 341 3.84 23.66 0.12
N LYS B 342 2.61 23.95 -0.26
CA LYS B 342 2.26 25.25 -0.83
C LYS B 342 1.16 25.91 0.01
N THR B 343 0.65 27.03 -0.50
CA THR B 343 -0.45 27.76 0.10
C THR B 343 -1.59 27.87 -0.92
N SER B 344 -2.81 27.69 -0.44
CA SER B 344 -4.00 27.72 -1.28
C SER B 344 -4.86 28.92 -0.89
N ALA B 345 -5.34 29.64 -1.89
CA ALA B 345 -6.21 30.79 -1.68
C ALA B 345 -7.66 30.34 -1.63
N VAL B 346 -8.37 30.77 -0.59
CA VAL B 346 -9.75 30.34 -0.38
C VAL B 346 -10.61 31.53 0.04
N ASN B 347 -11.86 31.25 0.42
CA ASN B 347 -12.78 32.28 0.88
C ASN B 347 -13.83 31.66 1.78
N LYS B 348 -13.41 31.19 2.95
CA LYS B 348 -14.32 30.60 3.93
C LYS B 348 -14.66 31.65 4.96
N VAL B 349 -15.93 32.04 5.02
CA VAL B 349 -16.38 33.15 5.86
C VAL B 349 -17.09 32.60 7.09
N PHE B 350 -16.92 33.30 8.20
CA PHE B 350 -17.55 32.94 9.46
C PHE B 350 -18.10 34.22 10.10
N ILE B 351 -19.36 34.18 10.51
CA ILE B 351 -20.08 35.37 10.95
C ILE B 351 -20.19 35.37 12.47
N LEU B 352 -20.21 36.57 13.04
CA LEU B 352 -20.51 36.75 14.46
C LEU B 352 -21.57 37.83 14.59
N GLY B 353 -22.66 37.51 15.28
CA GLY B 353 -23.76 38.45 15.39
C GLY B 353 -24.34 38.73 14.02
N THR B 354 -24.46 40.01 13.68
CA THR B 354 -24.94 40.43 12.37
C THR B 354 -23.81 40.70 11.39
N GLY B 355 -22.57 40.35 11.75
CA GLY B 355 -21.44 40.58 10.88
C GLY B 355 -21.09 42.04 10.73
N SER B 356 -20.00 42.34 10.06
CA SER B 356 -19.57 43.72 9.86
C SER B 356 -20.58 44.45 8.98
N ASN B 357 -21.15 45.53 9.50
CA ASN B 357 -22.10 46.34 8.75
C ASN B 357 -21.39 47.04 7.59
#